data_3TRZ
#
_entry.id   3TRZ
#
_cell.length_a   143.820
_cell.length_b   143.820
_cell.length_c   177.720
_cell.angle_alpha   90.00
_cell.angle_beta   90.00
_cell.angle_gamma   90.00
#
_symmetry.space_group_name_H-M   'P 43 21 2'
#
loop_
_entity.id
_entity.type
_entity.pdbx_description
1 polymer 'Protein lin-28 homolog A'
2 polymer "RNA (5'-R(*GP*GP*GP*CP*AP*GP*GP*GP*AP*UP*UP*UP*UP*GP*CP*CP*CP*GP*GP*AP*G)-3')"
3 non-polymer 'ZINC ION'
#
loop_
_entity_poly.entity_id
_entity_poly.type
_entity_poly.pdbx_seq_one_letter_code
_entity_poly.pdbx_strand_id
1 'polypeptide(L)'
;AADEPQLLHGAGICKWFNVRMGFGFLSMTARAGVALDPPVDVFVHQSKLHMEGFRSLKEGEAVEFTFKKSAKGLESIRVT
GPGGVFCIGSERRPKGGDRCYNCGGLDHHAKECKLPPQPKKCHFCQSINHMVASCPLKAQQGPSSQGK
;
A,B,C,D,E,F
2 'polyribonucleotide' (GMP)GGCAGGGAUUUUGCCCGGAG U,V,W,X,Y,Z
#
# COMPACT_ATOMS: atom_id res chain seq x y z
N PRO A 5 41.56 -3.69 -19.61
CA PRO A 5 40.87 -2.42 -19.79
C PRO A 5 39.38 -2.58 -20.08
N GLN A 6 38.58 -2.43 -19.01
CA GLN A 6 37.12 -2.48 -19.03
C GLN A 6 36.64 -1.10 -19.44
N LEU A 7 36.97 -0.07 -18.62
CA LEU A 7 36.61 1.35 -18.76
C LEU A 7 37.62 2.09 -19.59
N LEU A 8 37.16 2.61 -20.73
CA LEU A 8 38.04 3.29 -21.68
C LEU A 8 37.68 4.72 -21.98
N HIS A 9 38.69 5.55 -22.30
CA HIS A 9 38.51 6.93 -22.70
C HIS A 9 38.36 6.96 -24.21
N GLY A 10 37.38 7.71 -24.68
CA GLY A 10 37.11 7.86 -26.10
C GLY A 10 36.84 9.31 -26.41
N ALA A 11 36.95 9.65 -27.69
CA ALA A 11 36.68 10.99 -28.22
C ALA A 11 36.36 10.85 -29.68
N GLY A 12 35.41 11.66 -30.09
CA GLY A 12 34.93 11.72 -31.46
C GLY A 12 33.81 12.72 -31.58
N ILE A 13 32.84 12.40 -32.40
CA ILE A 13 31.69 13.24 -32.68
C ILE A 13 30.47 12.38 -32.62
N CYS A 14 29.30 13.00 -32.58
CA CYS A 14 28.07 12.23 -32.58
C CYS A 14 27.80 11.80 -34.04
N LYS A 15 27.55 10.49 -34.27
CA LYS A 15 27.25 9.96 -35.61
C LYS A 15 25.84 10.35 -35.98
N TRP A 16 24.88 10.05 -35.10
CA TRP A 16 23.46 10.35 -35.22
C TRP A 16 22.80 10.21 -33.85
N PHE A 17 21.63 10.82 -33.69
CA PHE A 17 20.85 10.74 -32.47
C PHE A 17 19.37 10.91 -32.78
N ASN A 18 18.56 10.06 -32.19
CA ASN A 18 17.12 10.16 -32.34
C ASN A 18 16.63 10.55 -30.98
N VAL A 19 16.14 11.79 -30.84
CA VAL A 19 15.70 12.26 -29.54
C VAL A 19 14.50 11.51 -28.97
N ARG A 20 13.44 11.31 -29.75
CA ARG A 20 12.29 10.52 -29.30
C ARG A 20 12.74 9.11 -28.91
N MET A 21 13.58 8.45 -29.74
CA MET A 21 14.08 7.10 -29.46
C MET A 21 14.95 7.03 -28.22
N GLY A 22 15.52 8.17 -27.82
CA GLY A 22 16.32 8.28 -26.61
C GLY A 22 17.72 7.74 -26.73
N PHE A 23 18.16 7.46 -27.95
CA PHE A 23 19.51 6.93 -28.18
C PHE A 23 20.07 7.28 -29.58
N GLY A 24 21.34 6.94 -29.76
CA GLY A 24 22.07 7.15 -30.98
C GLY A 24 23.43 6.51 -30.91
N PHE A 25 24.31 6.96 -31.79
CA PHE A 25 25.67 6.47 -31.86
C PHE A 25 26.66 7.61 -31.99
N LEU A 26 27.87 7.35 -31.51
CA LEU A 26 29.02 8.24 -31.55
C LEU A 26 30.02 7.65 -32.55
N SER A 27 30.71 8.52 -33.27
CA SER A 27 31.75 8.10 -34.18
C SER A 27 33.06 8.40 -33.45
N MET A 28 33.63 7.39 -32.79
CA MET A 28 34.88 7.53 -32.03
C MET A 28 36.09 7.64 -32.96
N THR A 29 36.81 8.79 -32.88
CA THR A 29 37.96 9.10 -33.73
C THR A 29 39.28 8.89 -33.01
N ALA A 30 39.23 8.80 -31.67
CA ALA A 30 40.41 8.53 -30.84
C ALA A 30 40.03 7.67 -29.64
N ARG A 31 40.63 6.49 -29.56
CA ARG A 31 40.45 5.55 -28.46
C ARG A 31 41.70 5.64 -27.62
N ALA A 32 41.50 5.84 -26.31
CA ALA A 32 42.53 5.99 -25.28
C ALA A 32 43.65 6.95 -25.67
N GLY A 33 43.29 8.03 -26.35
CA GLY A 33 44.25 9.01 -26.81
C GLY A 33 44.75 8.81 -28.23
N VAL A 34 44.83 7.54 -28.67
CA VAL A 34 45.35 7.19 -29.99
C VAL A 34 44.30 7.34 -31.11
N ALA A 35 44.69 7.99 -32.22
CA ALA A 35 43.84 8.26 -33.38
C ALA A 35 43.36 7.00 -34.07
N LEU A 36 42.07 6.97 -34.42
CA LEU A 36 41.45 5.83 -35.09
C LEU A 36 41.06 6.20 -36.50
N ASP A 37 41.40 5.31 -37.43
CA ASP A 37 41.05 5.47 -38.85
C ASP A 37 40.94 4.06 -39.42
N PRO A 38 39.72 3.58 -39.76
CA PRO A 38 38.43 4.29 -39.77
C PRO A 38 37.85 4.50 -38.37
N PRO A 39 36.89 5.44 -38.15
CA PRO A 39 36.34 5.60 -36.79
C PRO A 39 35.49 4.39 -36.43
N VAL A 40 35.23 4.22 -35.12
CA VAL A 40 34.42 3.10 -34.64
C VAL A 40 33.18 3.60 -33.96
N ASP A 41 32.02 2.97 -34.23
CA ASP A 41 30.75 3.36 -33.61
C ASP A 41 30.63 2.95 -32.14
N VAL A 42 30.14 3.85 -31.31
CA VAL A 42 29.94 3.67 -29.87
C VAL A 42 28.49 4.10 -29.59
N PHE A 43 27.70 3.23 -28.95
CA PHE A 43 26.30 3.50 -28.63
C PHE A 43 26.17 4.55 -27.52
N VAL A 44 25.15 5.44 -27.60
CA VAL A 44 24.79 6.45 -26.60
C VAL A 44 23.34 6.34 -26.24
N HIS A 45 23.04 6.32 -24.94
CA HIS A 45 21.69 6.38 -24.45
C HIS A 45 21.55 7.73 -23.75
N GLN A 46 20.42 8.43 -23.95
CA GLN A 46 20.16 9.76 -23.38
C GLN A 46 20.54 9.90 -21.91
N SER A 47 20.34 8.85 -21.12
CA SER A 47 20.63 8.81 -19.68
C SER A 47 22.11 9.01 -19.34
N LYS A 48 22.99 8.82 -20.32
CA LYS A 48 24.45 8.93 -20.14
C LYS A 48 25.05 10.24 -20.60
N LEU A 49 24.22 11.22 -20.97
CA LEU A 49 24.72 12.52 -21.43
C LEU A 49 24.82 13.54 -20.29
N HIS A 50 26.00 14.18 -20.17
CA HIS A 50 26.28 15.24 -19.20
C HIS A 50 25.70 16.55 -19.77
N MET A 51 24.49 16.90 -19.33
CA MET A 51 23.75 18.06 -19.79
C MET A 51 22.81 18.57 -18.74
N GLU A 52 22.52 19.89 -18.81
CA GLU A 52 21.52 20.50 -17.95
C GLU A 52 20.19 20.37 -18.70
N GLY A 53 19.17 19.92 -18.00
CA GLY A 53 17.85 19.74 -18.55
C GLY A 53 17.73 18.56 -19.49
N PHE A 54 16.97 18.77 -20.59
CA PHE A 54 16.66 17.75 -21.58
C PHE A 54 17.87 17.27 -22.35
N ARG A 55 18.14 15.97 -22.24
CA ARG A 55 19.28 15.31 -22.89
C ARG A 55 18.99 14.81 -24.30
N SER A 56 19.93 15.09 -25.21
CA SER A 56 19.98 14.74 -26.63
C SER A 56 21.39 15.09 -27.11
N LEU A 57 21.68 14.80 -28.37
CA LEU A 57 22.93 15.13 -29.02
C LEU A 57 22.52 15.52 -30.41
N LYS A 58 23.35 16.34 -31.08
CA LYS A 58 23.07 16.70 -32.46
C LYS A 58 24.13 16.06 -33.33
N GLU A 59 23.76 15.61 -34.51
CA GLU A 59 24.72 15.02 -35.43
C GLU A 59 25.95 15.95 -35.55
N GLY A 60 27.13 15.35 -35.39
CA GLY A 60 28.42 16.01 -35.56
C GLY A 60 29.01 16.79 -34.40
N GLU A 61 28.24 16.99 -33.31
CA GLU A 61 28.79 17.72 -32.17
C GLU A 61 29.95 16.95 -31.49
N ALA A 62 31.04 17.69 -31.13
CA ALA A 62 32.27 17.20 -30.51
C ALA A 62 31.92 16.63 -29.21
N VAL A 63 32.47 15.46 -28.96
CA VAL A 63 32.15 14.68 -27.79
C VAL A 63 33.36 13.95 -27.25
N GLU A 64 33.44 13.89 -25.93
CA GLU A 64 34.49 13.21 -25.16
C GLU A 64 33.71 12.32 -24.17
N PHE A 65 34.19 11.10 -23.93
CA PHE A 65 33.44 10.14 -23.16
C PHE A 65 34.26 8.94 -22.64
N THR A 66 33.63 8.12 -21.78
CA THR A 66 34.15 6.83 -21.31
C THR A 66 33.21 5.75 -21.82
N PHE A 67 33.77 4.63 -22.29
CA PHE A 67 32.94 3.54 -22.79
C PHE A 67 33.43 2.19 -22.28
N LYS A 68 32.61 1.15 -22.51
CA LYS A 68 32.89 -0.22 -22.14
C LYS A 68 32.36 -1.16 -23.21
N LYS A 69 32.81 -2.41 -23.20
CA LYS A 69 32.29 -3.43 -24.08
C LYS A 69 30.98 -3.88 -23.43
N SER A 70 30.00 -4.19 -24.24
CA SER A 70 28.70 -4.69 -23.82
C SER A 70 28.38 -5.84 -24.75
N ALA A 71 27.42 -6.71 -24.39
CA ALA A 71 27.03 -7.84 -25.24
C ALA A 71 26.63 -7.36 -26.65
N LYS A 72 26.01 -6.16 -26.75
CA LYS A 72 25.55 -5.61 -28.03
C LYS A 72 26.61 -4.83 -28.82
N GLY A 73 27.75 -4.51 -28.19
CA GLY A 73 28.85 -3.80 -28.85
C GLY A 73 29.60 -2.89 -27.87
N LEU A 74 29.82 -1.63 -28.25
CA LEU A 74 30.47 -0.68 -27.36
C LEU A 74 29.41 0.26 -26.83
N GLU A 75 29.45 0.51 -25.52
CA GLU A 75 28.46 1.32 -24.83
C GLU A 75 29.14 2.42 -24.07
N SER A 76 28.70 3.65 -24.30
CA SER A 76 29.25 4.81 -23.58
C SER A 76 28.62 4.92 -22.20
N ILE A 77 29.43 5.28 -21.20
CA ILE A 77 29.09 5.39 -19.78
C ILE A 77 28.72 6.81 -19.39
N ARG A 78 29.56 7.79 -19.74
CA ARG A 78 29.31 9.21 -19.52
C ARG A 78 29.77 9.91 -20.78
N VAL A 79 28.96 10.84 -21.30
CA VAL A 79 29.26 11.59 -22.51
C VAL A 79 29.22 13.08 -22.21
N THR A 80 30.33 13.78 -22.47
CA THR A 80 30.44 15.22 -22.29
C THR A 80 30.94 15.85 -23.58
N GLY A 81 31.10 17.17 -23.58
CA GLY A 81 31.74 17.89 -24.67
C GLY A 81 33.24 17.88 -24.42
N PRO A 82 34.08 18.46 -25.30
CA PRO A 82 35.52 18.42 -25.02
C PRO A 82 35.82 19.15 -23.72
N GLY A 83 36.63 18.51 -22.87
CA GLY A 83 37.04 19.04 -21.59
C GLY A 83 36.05 18.87 -20.47
N GLY A 84 35.06 18.01 -20.67
CA GLY A 84 34.07 17.69 -19.64
C GLY A 84 32.90 18.64 -19.56
N VAL A 85 32.87 19.60 -20.48
CA VAL A 85 31.88 20.63 -20.70
C VAL A 85 30.55 19.93 -21.05
N PHE A 86 29.42 20.64 -20.86
CA PHE A 86 28.12 20.07 -21.17
C PHE A 86 27.96 19.84 -22.69
N CYS A 87 27.12 18.89 -23.09
CA CYS A 87 26.83 18.65 -24.50
C CYS A 87 25.85 19.77 -25.01
N ILE A 88 25.63 19.88 -26.34
CA ILE A 88 24.73 20.87 -26.90
C ILE A 88 23.26 20.38 -27.04
N GLY A 89 23.07 19.24 -27.72
CA GLY A 89 21.75 18.65 -27.97
C GLY A 89 20.98 19.22 -29.15
N SER A 90 19.60 19.04 -29.16
CA SER A 90 18.66 19.46 -30.24
C SER A 90 17.24 20.02 -29.84
N GLU A 91 16.60 20.86 -30.73
CA GLU A 91 15.25 21.51 -30.59
C GLU A 91 15.06 22.32 -29.31
N ASP A 98 20.52 31.16 -22.90
CA ASP A 98 21.80 31.03 -23.61
C ASP A 98 22.89 30.44 -22.73
N ARG A 99 23.82 29.68 -23.36
CA ARG A 99 24.89 28.98 -22.65
C ARG A 99 26.26 29.61 -22.65
N CYS A 100 26.99 29.48 -21.51
CA CYS A 100 28.35 29.96 -21.25
C CYS A 100 29.35 29.46 -22.30
N TYR A 101 30.19 30.37 -22.82
CA TYR A 101 31.22 30.02 -23.81
C TYR A 101 32.35 29.20 -23.19
N ASN A 102 32.51 29.25 -21.86
CA ASN A 102 33.55 28.50 -21.17
C ASN A 102 33.12 27.08 -20.75
N CYS A 103 31.89 26.90 -20.27
CA CYS A 103 31.46 25.60 -19.75
C CYS A 103 30.19 24.97 -20.37
N GLY A 104 29.41 25.77 -21.07
CA GLY A 104 28.16 25.33 -21.67
C GLY A 104 26.98 25.44 -20.73
N GLY A 105 27.21 25.98 -19.53
CA GLY A 105 26.18 26.19 -18.51
C GLY A 105 25.13 27.20 -18.95
N LEU A 106 23.85 26.98 -18.56
CA LEU A 106 22.74 27.87 -18.97
C LEU A 106 22.54 29.12 -18.12
N ASP A 107 22.94 29.07 -16.85
CA ASP A 107 22.73 30.17 -15.88
C ASP A 107 23.54 31.48 -16.06
N HIS A 108 24.67 31.45 -16.78
CA HIS A 108 25.60 32.59 -16.85
C HIS A 108 26.37 32.70 -18.16
N HIS A 109 27.29 33.69 -18.19
CA HIS A 109 28.19 34.00 -19.31
C HIS A 109 29.66 33.83 -18.86
N ALA A 110 30.57 33.63 -19.85
CA ALA A 110 32.01 33.38 -19.66
C ALA A 110 32.75 34.28 -18.67
N LYS A 111 32.32 35.57 -18.55
CA LYS A 111 32.91 36.58 -17.64
C LYS A 111 32.68 36.21 -16.18
N GLU A 112 31.50 35.66 -15.85
CA GLU A 112 31.09 35.27 -14.50
C GLU A 112 31.36 33.77 -14.18
N CYS A 113 31.92 32.99 -15.14
CA CYS A 113 32.18 31.55 -14.97
C CYS A 113 33.13 31.24 -13.82
N LYS A 114 32.67 30.39 -12.91
CA LYS A 114 33.41 29.99 -11.73
C LYS A 114 34.39 28.84 -12.00
N LEU A 115 34.24 28.19 -13.16
CA LEU A 115 35.06 27.06 -13.58
C LEU A 115 36.39 27.49 -14.21
N PRO A 116 37.46 26.64 -14.17
CA PRO A 116 38.76 27.07 -14.74
C PRO A 116 38.66 27.27 -16.25
N PRO A 117 39.41 28.24 -16.83
CA PRO A 117 39.28 28.52 -18.26
C PRO A 117 39.51 27.32 -19.15
N GLN A 118 38.61 27.15 -20.09
CA GLN A 118 38.58 26.08 -21.05
C GLN A 118 38.99 26.60 -22.42
N PRO A 119 39.57 25.79 -23.31
CA PRO A 119 39.91 26.30 -24.66
C PRO A 119 38.65 26.71 -25.46
N LYS A 120 38.78 27.66 -26.40
CA LYS A 120 37.66 28.10 -27.25
C LYS A 120 37.13 26.92 -28.09
N LYS A 121 35.80 26.76 -28.08
CA LYS A 121 35.13 25.67 -28.80
C LYS A 121 34.23 26.27 -29.87
N CYS A 122 34.09 25.58 -31.03
CA CYS A 122 33.21 26.01 -32.12
C CYS A 122 31.82 26.31 -31.57
N HIS A 123 31.28 27.48 -31.83
CA HIS A 123 29.96 27.87 -31.34
C HIS A 123 28.85 26.97 -31.83
N PHE A 124 29.07 26.27 -32.93
CA PHE A 124 28.08 25.38 -33.50
C PHE A 124 28.20 23.93 -33.04
N CYS A 125 29.40 23.33 -33.12
CA CYS A 125 29.62 21.92 -32.82
C CYS A 125 30.50 21.64 -31.59
N GLN A 126 31.04 22.67 -30.93
CA GLN A 126 31.90 22.54 -29.75
C GLN A 126 33.29 21.92 -30.01
N SER A 127 33.71 21.76 -31.28
CA SER A 127 35.04 21.28 -31.64
C SER A 127 36.08 22.25 -31.14
N ILE A 128 37.19 21.72 -30.63
CA ILE A 128 38.31 22.53 -30.13
C ILE A 128 39.29 22.86 -31.28
N ASN A 129 39.09 22.22 -32.45
CA ASN A 129 39.95 22.32 -33.64
C ASN A 129 39.65 23.47 -34.59
N HIS A 130 38.43 24.00 -34.56
CA HIS A 130 38.04 25.11 -35.43
C HIS A 130 37.08 26.05 -34.73
N MET A 131 36.78 27.16 -35.41
CA MET A 131 35.82 28.13 -34.95
C MET A 131 34.70 28.27 -35.95
N VAL A 132 33.48 28.56 -35.45
CA VAL A 132 32.22 28.65 -36.20
C VAL A 132 32.33 29.15 -37.64
N ALA A 133 33.13 30.20 -37.87
CA ALA A 133 33.35 30.78 -39.20
C ALA A 133 33.98 29.81 -40.20
N SER A 134 34.56 28.69 -39.71
CA SER A 134 35.18 27.66 -40.54
C SER A 134 34.63 26.27 -40.22
N CYS A 135 33.45 26.21 -39.58
CA CYS A 135 32.78 24.97 -39.20
C CYS A 135 32.29 24.13 -40.40
N PRO A 136 32.79 22.88 -40.57
CA PRO A 136 32.30 22.01 -41.67
C PRO A 136 30.83 21.65 -41.51
N LEU A 137 30.40 21.38 -40.28
CA LEU A 137 29.03 21.02 -39.92
C LEU A 137 28.06 22.16 -40.30
N LYS A 138 28.40 23.40 -39.95
CA LYS A 138 27.59 24.59 -40.23
C LYS A 138 27.38 24.73 -41.74
N ALA A 139 28.40 24.43 -42.54
CA ALA A 139 28.34 24.46 -44.01
C ALA A 139 27.55 23.25 -44.55
N GLN A 140 26.23 23.21 -44.22
CA GLN A 140 25.24 22.19 -44.60
C GLN A 140 23.81 22.73 -44.49
N PRO B 5 -11.93 48.70 -61.29
CA PRO B 5 -11.26 48.19 -60.07
C PRO B 5 -9.78 47.92 -60.29
N GLN B 6 -8.94 48.89 -59.88
CA GLN B 6 -7.48 48.86 -59.99
C GLN B 6 -6.87 48.36 -58.69
N LEU B 7 -7.42 48.77 -57.53
CA LEU B 7 -7.00 48.40 -56.17
C LEU B 7 -7.98 47.40 -55.62
N LEU B 8 -7.50 46.19 -55.32
CA LEU B 8 -8.39 45.16 -54.82
C LEU B 8 -7.91 44.60 -53.53
N HIS B 9 -8.85 44.21 -52.63
CA HIS B 9 -8.49 43.59 -51.37
C HIS B 9 -8.38 42.09 -51.55
N GLY B 10 -7.25 41.58 -51.12
CA GLY B 10 -6.96 40.14 -51.19
C GLY B 10 -6.64 39.58 -49.83
N ALA B 11 -6.77 38.26 -49.70
CA ALA B 11 -6.46 37.48 -48.48
C ALA B 11 -6.19 36.02 -48.88
N GLY B 12 -5.16 35.47 -48.25
CA GLY B 12 -4.74 34.10 -48.45
C GLY B 12 -3.65 33.74 -47.48
N ILE B 13 -2.63 33.07 -47.99
CA ILE B 13 -1.46 32.60 -47.25
C ILE B 13 -0.25 32.76 -48.15
N CYS B 14 0.95 32.72 -47.59
CA CYS B 14 2.18 32.83 -48.36
C CYS B 14 2.42 31.51 -49.09
N LYS B 15 2.53 31.54 -50.44
CA LYS B 15 2.77 30.36 -51.27
C LYS B 15 4.20 29.92 -51.06
N TRP B 16 5.13 30.85 -51.21
CA TRP B 16 6.57 30.65 -51.02
C TRP B 16 7.24 32.03 -50.90
N PHE B 17 8.48 32.02 -50.38
CA PHE B 17 9.27 33.24 -50.20
C PHE B 17 10.76 32.93 -50.13
N ASN B 18 11.54 33.59 -50.98
CA ASN B 18 12.98 33.42 -50.96
C ASN B 18 13.51 34.66 -50.31
N VAL B 19 13.93 34.55 -49.03
CA VAL B 19 14.40 35.71 -48.26
C VAL B 19 15.61 36.45 -48.87
N ARG B 20 16.62 35.73 -49.35
CA ARG B 20 17.78 36.31 -50.03
C ARG B 20 17.32 37.04 -51.28
N MET B 21 16.42 36.42 -52.08
CA MET B 21 15.92 37.03 -53.33
C MET B 21 15.00 38.24 -53.12
N GLY B 22 14.46 38.38 -51.92
CA GLY B 22 13.60 39.50 -51.54
C GLY B 22 12.20 39.48 -52.10
N PHE B 23 11.74 38.33 -52.58
CA PHE B 23 10.40 38.19 -53.12
C PHE B 23 9.84 36.78 -53.03
N GLY B 24 8.59 36.68 -53.42
CA GLY B 24 7.84 35.44 -53.42
C GLY B 24 6.44 35.65 -53.94
N PHE B 25 5.56 34.70 -53.60
CA PHE B 25 4.18 34.72 -54.04
C PHE B 25 3.27 34.37 -52.89
N LEU B 26 2.02 34.88 -53.01
CA LEU B 26 0.91 34.69 -52.11
C LEU B 26 -0.14 33.85 -52.85
N SER B 27 -0.79 32.94 -52.13
CA SER B 27 -1.88 32.13 -52.64
C SER B 27 -3.14 32.81 -52.14
N MET B 28 -3.79 33.55 -53.05
CA MET B 28 -4.99 34.35 -52.79
C MET B 28 -6.23 33.48 -52.77
N THR B 29 -6.82 33.30 -51.57
CA THR B 29 -8.01 32.42 -51.38
C THR B 29 -9.31 33.20 -51.40
N ALA B 30 -9.25 34.52 -51.19
CA ALA B 30 -10.43 35.38 -51.23
C ALA B 30 -10.08 36.72 -51.84
N ARG B 31 -10.78 37.07 -52.93
CA ARG B 31 -10.64 38.32 -53.70
C ARG B 31 -11.88 39.15 -53.43
N ALA B 32 -11.70 40.40 -52.99
CA ALA B 32 -12.79 41.35 -52.68
C ALA B 32 -13.87 40.74 -51.78
N GLY B 33 -13.46 39.91 -50.82
CA GLY B 33 -14.39 39.27 -49.91
C GLY B 33 -14.92 37.93 -50.40
N VAL B 34 -14.97 37.73 -51.73
CA VAL B 34 -15.49 36.49 -52.31
C VAL B 34 -14.42 35.37 -52.38
N ALA B 35 -14.78 34.15 -52.01
CA ALA B 35 -13.90 32.98 -52.02
C ALA B 35 -13.41 32.56 -53.43
N LEU B 36 -12.12 32.11 -53.52
CA LEU B 36 -11.45 31.66 -54.75
C LEU B 36 -11.03 30.19 -54.73
N ASP B 37 -11.52 29.42 -55.73
CA ASP B 37 -11.19 28.01 -55.90
C ASP B 37 -11.05 27.74 -57.40
N PRO B 38 -9.83 27.43 -57.92
CA PRO B 38 -8.54 27.29 -57.19
C PRO B 38 -7.99 28.64 -56.76
N PRO B 39 -7.02 28.71 -55.81
CA PRO B 39 -6.48 30.04 -55.44
C PRO B 39 -5.68 30.64 -56.59
N VAL B 40 -5.45 31.96 -56.54
CA VAL B 40 -4.70 32.65 -57.58
C VAL B 40 -3.43 33.25 -57.01
N ASP B 41 -2.30 33.10 -57.73
CA ASP B 41 -1.02 33.62 -57.25
C ASP B 41 -0.90 35.11 -57.41
N VAL B 42 -0.37 35.76 -56.35
CA VAL B 42 -0.16 37.21 -56.25
C VAL B 42 1.26 37.40 -55.79
N PHE B 43 2.03 38.20 -56.52
CA PHE B 43 3.44 38.46 -56.25
C PHE B 43 3.62 39.35 -55.04
N VAL B 44 4.68 39.09 -54.23
CA VAL B 44 5.09 39.88 -53.07
C VAL B 44 6.55 40.22 -53.17
N HIS B 45 6.88 41.48 -52.93
CA HIS B 45 8.24 41.96 -52.84
C HIS B 45 8.44 42.39 -51.40
N GLN B 46 9.61 42.07 -50.83
CA GLN B 46 9.94 42.40 -49.44
C GLN B 46 9.57 43.81 -49.01
N SER B 47 9.75 44.79 -49.90
CA SER B 47 9.46 46.20 -49.66
C SER B 47 7.99 46.50 -49.34
N LYS B 48 7.08 45.58 -49.69
CA LYS B 48 5.64 45.76 -49.49
C LYS B 48 5.08 45.05 -48.27
N LEU B 49 5.96 44.56 -47.39
CA LEU B 49 5.56 43.81 -46.22
C LEU B 49 5.48 44.68 -44.98
N HIS B 50 4.34 44.67 -44.31
CA HIS B 50 4.15 45.44 -43.09
C HIS B 50 4.78 44.66 -41.93
N MET B 51 6.01 45.01 -41.57
CA MET B 51 6.80 44.34 -40.52
C MET B 51 7.77 45.26 -39.86
N GLU B 52 8.13 44.96 -38.61
CA GLU B 52 9.16 45.71 -37.91
C GLU B 52 10.49 45.00 -38.23
N GLY B 53 11.49 45.78 -38.57
CA GLY B 53 12.79 45.27 -38.91
C GLY B 53 12.85 44.62 -40.28
N PHE B 54 13.68 43.58 -40.38
CA PHE B 54 13.92 42.81 -41.61
C PHE B 54 12.68 42.05 -42.07
N ARG B 55 12.29 42.37 -43.30
CA ARG B 55 11.12 41.84 -43.98
C ARG B 55 11.37 40.55 -44.72
N SER B 56 10.41 39.64 -44.60
CA SER B 56 10.37 38.29 -45.16
C SER B 56 8.99 37.75 -44.85
N LEU B 57 8.66 36.57 -45.37
CA LEU B 57 7.41 35.88 -45.08
C LEU B 57 7.77 34.41 -44.89
N LYS B 58 6.90 33.66 -44.22
CA LYS B 58 7.17 32.23 -44.11
C LYS B 58 6.09 31.51 -44.92
N GLU B 59 6.46 30.47 -45.66
CA GLU B 59 5.52 29.67 -46.43
C GLU B 59 4.34 29.36 -45.49
N GLY B 60 3.14 29.64 -45.99
CA GLY B 60 1.89 29.30 -45.34
C GLY B 60 1.31 30.27 -44.35
N GLU B 61 2.04 31.36 -44.01
CA GLU B 61 1.55 32.35 -43.05
C GLU B 61 0.37 33.14 -43.59
N ALA B 62 -0.62 33.46 -42.72
CA ALA B 62 -1.86 34.18 -43.09
C ALA B 62 -1.61 35.64 -43.38
N VAL B 63 -1.98 36.03 -44.60
CA VAL B 63 -1.84 37.42 -45.05
C VAL B 63 -3.16 37.97 -45.55
N GLU B 64 -3.30 39.28 -45.43
CA GLU B 64 -4.41 40.11 -45.90
C GLU B 64 -3.66 41.19 -46.63
N PHE B 65 -4.20 41.68 -47.73
CA PHE B 65 -3.47 42.64 -48.55
C PHE B 65 -4.31 43.39 -49.59
N THR B 66 -3.68 44.32 -50.32
CA THR B 66 -4.27 45.04 -51.43
C THR B 66 -3.35 44.80 -52.60
N PHE B 67 -3.91 44.69 -53.80
CA PHE B 67 -3.12 44.36 -54.97
C PHE B 67 -3.66 45.01 -56.25
N LYS B 68 -2.89 44.87 -57.32
CA LYS B 68 -3.21 45.46 -58.60
C LYS B 68 -2.67 44.60 -59.73
N LYS B 69 -3.17 44.83 -60.94
CA LYS B 69 -2.64 44.16 -62.11
C LYS B 69 -1.37 44.94 -62.47
N SER B 70 -0.38 44.24 -62.97
CA SER B 70 0.87 44.83 -63.41
C SER B 70 1.22 44.11 -64.71
N ALA B 71 2.15 44.67 -65.50
CA ALA B 71 2.63 44.07 -66.75
C ALA B 71 3.15 42.62 -66.50
N LYS B 72 3.77 42.38 -65.32
CA LYS B 72 4.31 41.06 -64.99
C LYS B 72 3.29 40.06 -64.39
N GLY B 73 2.14 40.56 -63.94
CA GLY B 73 1.09 39.72 -63.35
C GLY B 73 0.27 40.46 -62.33
N LEU B 74 0.04 39.85 -61.17
CA LEU B 74 -0.67 40.52 -60.06
C LEU B 74 0.34 40.85 -58.99
N GLU B 75 0.34 42.12 -58.59
CA GLU B 75 1.32 42.69 -57.68
C GLU B 75 0.66 43.21 -56.43
N SER B 76 1.12 42.75 -55.27
CA SER B 76 0.59 43.21 -54.00
C SER B 76 1.23 44.58 -53.67
N ILE B 77 0.45 45.47 -53.04
CA ILE B 77 0.81 46.84 -52.72
C ILE B 77 1.28 46.93 -51.28
N ARG B 78 0.49 46.39 -50.34
CA ARG B 78 0.82 46.34 -48.91
C ARG B 78 0.36 44.99 -48.41
N VAL B 79 1.22 44.29 -47.67
CA VAL B 79 0.91 42.96 -47.14
C VAL B 79 1.03 42.96 -45.62
N THR B 80 -0.06 42.61 -44.99
CA THR B 80 -0.12 42.57 -43.54
C THR B 80 -0.62 41.19 -43.12
N GLY B 81 -0.67 40.95 -41.82
CA GLY B 81 -1.29 39.76 -41.27
C GLY B 81 -2.80 39.99 -41.24
N PRO B 82 -3.61 39.05 -40.74
CA PRO B 82 -5.07 39.31 -40.69
C PRO B 82 -5.37 40.47 -39.74
N GLY B 83 -6.16 41.42 -40.22
CA GLY B 83 -6.54 42.59 -39.44
C GLY B 83 -5.55 43.73 -39.46
N GLY B 84 -4.59 43.68 -40.38
CA GLY B 84 -3.59 44.74 -40.52
C GLY B 84 -2.38 44.62 -39.60
N VAL B 85 -2.33 43.51 -38.85
CA VAL B 85 -1.29 43.10 -37.92
C VAL B 85 0.02 42.85 -38.70
N PHE B 86 1.18 42.91 -38.02
CA PHE B 86 2.47 42.67 -38.67
C PHE B 86 2.62 41.24 -39.15
N CYS B 87 3.43 41.00 -40.19
CA CYS B 87 3.71 39.64 -40.68
C CYS B 87 4.70 38.94 -39.74
N ILE B 88 4.89 37.60 -39.89
CA ILE B 88 5.80 36.84 -39.06
C ILE B 88 7.25 36.77 -39.63
N GLY B 89 7.43 36.33 -40.88
CA GLY B 89 8.74 36.22 -41.52
C GLY B 89 9.50 34.93 -41.26
N SER B 90 10.88 34.93 -41.43
CA SER B 90 11.81 33.77 -41.25
C SER B 90 13.29 34.07 -40.74
N GLU B 91 13.95 33.05 -40.08
CA GLU B 91 15.33 33.06 -39.52
C GLU B 91 15.62 34.22 -38.55
N ASP B 98 9.35 36.39 -29.93
CA ASP B 98 8.60 37.09 -28.88
C ASP B 98 7.98 38.41 -29.39
N ARG B 99 6.67 38.34 -29.69
CA ARG B 99 5.85 39.42 -30.24
C ARG B 99 4.42 39.43 -29.72
N CYS B 100 3.87 40.63 -29.46
CA CYS B 100 2.52 40.90 -28.95
C CYS B 100 1.46 39.99 -29.56
N TYR B 101 0.66 39.30 -28.73
CA TYR B 101 -0.39 38.39 -29.19
C TYR B 101 -1.52 39.15 -29.89
N ASN B 102 -1.64 40.46 -29.62
CA ASN B 102 -2.68 41.28 -30.22
C ASN B 102 -2.29 41.92 -31.55
N CYS B 103 -1.03 42.39 -31.70
CA CYS B 103 -0.62 43.08 -32.91
C CYS B 103 0.60 42.56 -33.66
N GLY B 104 1.38 41.71 -33.02
CA GLY B 104 2.61 41.17 -33.59
C GLY B 104 3.82 42.05 -33.37
N GLY B 105 3.65 43.14 -32.61
CA GLY B 105 4.71 44.10 -32.30
C GLY B 105 5.77 43.51 -31.42
N LEU B 106 7.05 43.92 -31.62
CA LEU B 106 8.18 43.37 -30.87
C LEU B 106 8.45 44.02 -29.50
N ASP B 107 8.07 45.31 -29.34
CA ASP B 107 8.34 46.10 -28.13
C ASP B 107 7.57 45.77 -26.84
N HIS B 108 6.42 45.09 -26.94
CA HIS B 108 5.52 44.86 -25.79
C HIS B 108 4.73 43.56 -25.84
N HIS B 109 3.84 43.38 -24.85
CA HIS B 109 2.93 42.24 -24.70
C HIS B 109 1.48 42.72 -24.75
N ALA B 110 0.54 41.81 -25.08
CA ALA B 110 -0.89 42.05 -25.27
C ALA B 110 -1.59 42.91 -24.21
N LYS B 111 -1.15 42.81 -22.93
CA LYS B 111 -1.69 43.57 -21.80
C LYS B 111 -1.43 45.08 -21.97
N GLU B 112 -0.25 45.44 -22.53
CA GLU B 112 0.20 46.83 -22.75
C GLU B 112 -0.04 47.35 -24.17
N CYS B 113 -0.76 46.58 -25.02
CA CYS B 113 -1.03 46.94 -26.41
C CYS B 113 -1.93 48.16 -26.53
N LYS B 114 -1.46 49.16 -27.30
CA LYS B 114 -2.16 50.43 -27.53
C LYS B 114 -3.23 50.33 -28.63
N LEU B 115 -3.16 49.23 -29.42
CA LEU B 115 -4.10 48.98 -30.52
C LEU B 115 -5.42 48.34 -30.06
N PRO B 116 -6.55 48.53 -30.80
CA PRO B 116 -7.83 47.92 -30.36
C PRO B 116 -7.75 46.39 -30.38
N PRO B 117 -8.42 45.67 -29.43
CA PRO B 117 -8.30 44.20 -29.40
C PRO B 117 -8.65 43.52 -30.70
N GLN B 118 -7.77 42.63 -31.11
CA GLN B 118 -7.83 41.90 -32.35
C GLN B 118 -8.25 40.45 -32.07
N PRO B 119 -8.88 39.73 -33.02
CA PRO B 119 -9.24 38.33 -32.76
C PRO B 119 -7.99 37.45 -32.57
N LYS B 120 -8.13 36.34 -31.83
CA LYS B 120 -7.03 35.39 -31.57
C LYS B 120 -6.53 34.80 -32.88
N LYS B 121 -5.21 34.80 -33.06
CA LYS B 121 -4.57 34.30 -34.28
C LYS B 121 -3.70 33.11 -33.92
N CYS B 122 -3.57 32.15 -34.84
CA CYS B 122 -2.73 30.97 -34.61
C CYS B 122 -1.31 31.42 -34.27
N HIS B 123 -0.77 30.95 -33.16
CA HIS B 123 0.58 31.32 -32.73
C HIS B 123 1.67 31.00 -33.74
N PHE B 124 1.41 30.02 -34.62
CA PHE B 124 2.36 29.60 -35.63
C PHE B 124 2.25 30.31 -36.95
N CYS B 125 1.05 30.39 -37.55
CA CYS B 125 0.81 30.96 -38.87
C CYS B 125 0.00 32.25 -38.91
N GLN B 126 -0.56 32.69 -37.75
CA GLN B 126 -1.40 33.89 -37.62
C GLN B 126 -2.79 33.78 -38.23
N SER B 127 -3.25 32.57 -38.63
CA SER B 127 -4.59 32.37 -39.15
C SER B 127 -5.61 32.68 -38.08
N ILE B 128 -6.72 33.30 -38.48
CA ILE B 128 -7.82 33.65 -37.58
C ILE B 128 -8.82 32.49 -37.47
N ASN B 129 -8.67 31.48 -38.36
CA ASN B 129 -9.53 30.29 -38.50
C ASN B 129 -9.26 29.12 -37.56
N HIS B 130 -8.02 29.00 -37.07
CA HIS B 130 -7.63 27.93 -36.16
C HIS B 130 -6.69 28.41 -35.09
N MET B 131 -6.40 27.54 -34.14
CA MET B 131 -5.43 27.80 -33.12
C MET B 131 -4.32 26.80 -33.19
N VAL B 132 -3.10 27.23 -32.78
CA VAL B 132 -1.84 26.46 -32.85
C VAL B 132 -1.96 24.97 -32.63
N ALA B 133 -2.75 24.55 -31.65
CA ALA B 133 -2.98 23.15 -31.34
C ALA B 133 -3.60 22.34 -32.50
N SER B 134 -4.20 23.02 -33.48
CA SER B 134 -4.84 22.40 -34.65
C SER B 134 -4.31 22.96 -35.96
N CYS B 135 -3.12 23.57 -35.92
CA CYS B 135 -2.47 24.17 -37.07
C CYS B 135 -2.00 23.16 -38.14
N PRO B 136 -2.51 23.25 -39.40
CA PRO B 136 -2.05 22.34 -40.46
C PRO B 136 -0.59 22.57 -40.84
N LEU B 137 -0.13 23.83 -40.86
CA LEU B 137 1.23 24.21 -41.20
C LEU B 137 2.19 23.60 -40.18
N LYS B 138 1.87 23.70 -38.86
CA LYS B 138 2.68 23.17 -37.74
C LYS B 138 2.86 21.68 -37.92
N ALA B 139 1.81 21.00 -38.42
CA ALA B 139 1.79 19.57 -38.73
C ALA B 139 2.59 19.29 -40.03
N GLN B 140 3.93 19.55 -39.96
CA GLN B 140 4.92 19.38 -41.04
C GLN B 140 6.33 19.37 -40.47
N PRO C 5 9.03 -42.16 10.98
CA PRO C 5 8.32 -40.90 10.67
C PRO C 5 6.81 -41.11 10.44
N GLN C 6 6.00 -40.83 11.48
CA GLN C 6 4.54 -40.94 11.45
C GLN C 6 3.95 -39.56 11.17
N LEU C 7 4.49 -38.51 11.81
CA LEU C 7 4.10 -37.10 11.71
C LEU C 7 5.11 -36.37 10.85
N LEU C 8 4.65 -35.80 9.73
CA LEU C 8 5.54 -35.09 8.82
C LEU C 8 5.08 -33.71 8.51
N HIS C 9 6.04 -32.79 8.33
CA HIS C 9 5.80 -31.41 7.93
C HIS C 9 5.73 -31.38 6.41
N GLY C 10 4.76 -30.63 5.89
CA GLY C 10 4.57 -30.45 4.46
C GLY C 10 4.17 -29.06 4.07
N ALA C 11 4.40 -28.70 2.81
CA ALA C 11 3.96 -27.41 2.27
C ALA C 11 3.58 -27.58 0.83
N GLY C 12 2.72 -26.72 0.37
CA GLY C 12 2.26 -26.76 -1.00
C GLY C 12 1.06 -25.86 -1.16
N ILE C 13 0.17 -26.25 -2.07
CA ILE C 13 -1.02 -25.47 -2.36
C ILE C 13 -2.22 -26.37 -2.31
N CYS C 14 -3.43 -25.78 -2.30
CA CYS C 14 -4.66 -26.55 -2.32
C CYS C 14 -4.91 -26.99 -3.76
N LYS C 15 -5.03 -28.32 -3.99
CA LYS C 15 -5.28 -28.89 -5.33
C LYS C 15 -6.71 -28.54 -5.72
N TRP C 16 -7.67 -28.86 -4.85
CA TRP C 16 -9.09 -28.59 -4.99
C TRP C 16 -9.78 -28.72 -3.63
N PHE C 17 -10.99 -28.14 -3.50
CA PHE C 17 -11.78 -28.19 -2.27
C PHE C 17 -13.28 -28.01 -2.50
N ASN C 18 -14.08 -29.01 -2.09
CA ASN C 18 -15.53 -28.95 -2.17
C ASN C 18 -16.03 -28.43 -0.85
N VAL C 19 -16.66 -27.24 -0.88
CA VAL C 19 -17.13 -26.61 0.35
C VAL C 19 -18.21 -27.45 1.03
N ARG C 20 -19.34 -27.70 0.33
CA ARG C 20 -20.46 -28.52 0.82
C ARG C 20 -19.99 -29.90 1.30
N MET C 21 -19.13 -30.60 0.53
CA MET C 21 -18.64 -31.93 0.89
C MET C 21 -17.67 -31.95 2.09
N GLY C 22 -17.11 -30.78 2.43
CA GLY C 22 -16.24 -30.62 3.58
C GLY C 22 -14.85 -31.20 3.48
N PHE C 23 -14.40 -31.48 2.26
CA PHE C 23 -13.05 -32.01 2.04
C PHE C 23 -12.49 -31.64 0.64
N GLY C 24 -11.21 -31.92 0.49
CA GLY C 24 -10.49 -31.71 -0.75
C GLY C 24 -9.12 -32.33 -0.66
N PHE C 25 -8.21 -31.90 -1.52
CA PHE C 25 -6.84 -32.38 -1.58
C PHE C 25 -5.88 -31.23 -1.70
N LEU C 26 -4.67 -31.46 -1.18
CA LEU C 26 -3.58 -30.53 -1.20
C LEU C 26 -2.52 -31.13 -2.12
N SER C 27 -1.83 -30.25 -2.87
CA SER C 27 -0.74 -30.66 -3.74
C SER C 27 0.55 -30.28 -2.99
N MET C 28 1.16 -31.26 -2.30
CA MET C 28 2.37 -31.08 -1.50
C MET C 28 3.58 -30.94 -2.40
N THR C 29 4.26 -29.76 -2.33
CA THR C 29 5.42 -29.45 -3.14
C THR C 29 6.72 -29.61 -2.37
N ALA C 30 6.63 -29.64 -1.03
CA ALA C 30 7.75 -29.80 -0.11
C ALA C 30 7.39 -30.76 1.01
N ARG C 31 8.16 -31.83 1.15
CA ARG C 31 7.95 -32.79 2.23
C ARG C 31 9.19 -32.69 3.12
N ALA C 32 8.96 -32.46 4.42
CA ALA C 32 9.98 -32.35 5.45
C ALA C 32 11.10 -31.39 5.08
N GLY C 33 10.73 -30.30 4.42
CA GLY C 33 11.67 -29.28 3.97
C GLY C 33 12.21 -29.50 2.57
N VAL C 34 12.33 -30.77 2.13
CA VAL C 34 12.87 -31.12 0.80
C VAL C 34 11.83 -30.98 -0.32
N ALA C 35 12.24 -30.36 -1.45
CA ALA C 35 11.36 -30.11 -2.61
C ALA C 35 10.90 -31.39 -3.31
N LEU C 36 9.65 -31.42 -3.77
CA LEU C 36 9.09 -32.61 -4.43
C LEU C 36 8.77 -32.40 -5.88
N ASP C 37 9.19 -33.35 -6.72
CA ASP C 37 8.90 -33.32 -8.14
C ASP C 37 8.72 -34.76 -8.62
N PRO C 38 7.49 -35.17 -9.01
CA PRO C 38 6.23 -34.40 -9.08
C PRO C 38 5.63 -34.15 -7.69
N PRO C 39 4.67 -33.19 -7.50
CA PRO C 39 4.04 -33.05 -6.17
C PRO C 39 3.20 -34.29 -5.81
N VAL C 40 2.89 -34.47 -4.52
CA VAL C 40 2.09 -35.62 -4.08
C VAL C 40 0.80 -35.13 -3.43
N ASP C 41 -0.34 -35.77 -3.74
CA ASP C 41 -1.63 -35.37 -3.16
C ASP C 41 -1.78 -35.78 -1.71
N VAL C 42 -2.25 -34.85 -0.88
CA VAL C 42 -2.52 -35.03 0.56
C VAL C 42 -4.00 -34.63 0.80
N PHE C 43 -4.77 -35.52 1.42
CA PHE C 43 -6.18 -35.27 1.72
C PHE C 43 -6.34 -34.21 2.83
N VAL C 44 -7.37 -33.36 2.71
CA VAL C 44 -7.78 -32.32 3.69
C VAL C 44 -9.23 -32.46 4.02
N HIS C 45 -9.55 -32.46 5.32
CA HIS C 45 -10.91 -32.43 5.81
C HIS C 45 -11.09 -31.09 6.48
N GLN C 46 -12.28 -30.45 6.28
CA GLN C 46 -12.58 -29.13 6.84
C GLN C 46 -12.22 -28.96 8.30
N SER C 47 -12.41 -30.00 9.11
CA SER C 47 -12.13 -30.02 10.54
C SER C 47 -10.66 -29.78 10.90
N LYS C 48 -9.75 -29.98 9.93
CA LYS C 48 -8.30 -29.83 10.15
C LYS C 48 -7.73 -28.51 9.66
N LEU C 49 -8.59 -27.56 9.29
CA LEU C 49 -8.20 -26.24 8.79
C LEU C 49 -8.12 -25.20 9.92
N HIS C 50 -6.95 -24.55 10.05
CA HIS C 50 -6.72 -23.48 11.02
C HIS C 50 -7.30 -22.18 10.46
N MET C 51 -8.53 -21.86 10.88
CA MET C 51 -9.27 -20.71 10.41
C MET C 51 -10.24 -20.24 11.45
N GLU C 52 -10.60 -18.94 11.37
CA GLU C 52 -11.64 -18.38 12.22
C GLU C 52 -12.95 -18.53 11.46
N GLY C 53 -13.96 -19.01 12.14
CA GLY C 53 -15.27 -19.21 11.55
C GLY C 53 -15.33 -20.40 10.62
N PHE C 54 -16.10 -20.24 9.52
CA PHE C 54 -16.35 -21.31 8.56
C PHE C 54 -15.12 -21.72 7.78
N ARG C 55 -14.77 -23.01 7.89
CA ARG C 55 -13.60 -23.61 7.25
C ARG C 55 -13.84 -24.09 5.85
N SER C 56 -12.90 -23.76 4.96
CA SER C 56 -12.86 -24.06 3.54
C SER C 56 -11.48 -23.70 3.06
N LEU C 57 -11.13 -24.14 1.86
CA LEU C 57 -9.88 -23.78 1.21
C LEU C 57 -10.30 -23.38 -0.20
N LYS C 58 -9.46 -22.57 -0.88
CA LYS C 58 -9.72 -22.22 -2.26
C LYS C 58 -8.63 -22.84 -3.11
N GLU C 59 -8.97 -23.24 -4.35
CA GLU C 59 -7.98 -23.84 -5.23
C GLU C 59 -6.77 -22.92 -5.29
N GLY C 60 -5.59 -23.50 -5.12
CA GLY C 60 -4.31 -22.83 -5.26
C GLY C 60 -3.77 -22.04 -4.09
N GLU C 61 -4.54 -21.86 -3.01
CA GLU C 61 -4.05 -21.11 -1.86
C GLU C 61 -2.89 -21.81 -1.17
N ALA C 62 -1.84 -21.02 -0.81
CA ALA C 62 -0.61 -21.47 -0.14
C ALA C 62 -0.95 -22.03 1.20
N VAL C 63 -0.33 -23.18 1.51
CA VAL C 63 -0.65 -23.97 2.68
C VAL C 63 0.58 -24.66 3.25
N GLU C 64 0.66 -24.72 4.57
CA GLU C 64 1.71 -25.37 5.39
C GLU C 64 0.93 -26.31 6.30
N PHE C 65 1.44 -27.52 6.52
CA PHE C 65 0.69 -28.53 7.28
C PHE C 65 1.54 -29.65 7.85
N THR C 66 0.92 -30.47 8.68
CA THR C 66 1.47 -31.71 9.21
C THR C 66 0.57 -32.82 8.72
N PHE C 67 1.14 -33.94 8.31
CA PHE C 67 0.33 -35.02 7.77
C PHE C 67 0.85 -36.37 8.23
N LYS C 68 0.10 -37.44 7.93
CA LYS C 68 0.39 -38.82 8.30
C LYS C 68 -0.12 -39.78 7.24
N LYS C 69 0.33 -41.04 7.28
CA LYS C 69 -0.18 -42.08 6.41
C LYS C 69 -1.49 -42.53 7.05
N SER C 70 -2.45 -42.88 6.23
CA SER C 70 -3.74 -43.38 6.68
C SER C 70 -4.07 -44.55 5.74
N ALA C 71 -5.05 -45.38 6.12
CA ALA C 71 -5.48 -46.50 5.29
C ALA C 71 -5.88 -46.03 3.90
N LYS C 72 -6.49 -44.82 3.78
CA LYS C 72 -6.94 -44.30 2.50
C LYS C 72 -5.87 -43.55 1.69
N GLY C 73 -4.72 -43.23 2.29
CA GLY C 73 -3.61 -42.52 1.65
C GLY C 73 -2.86 -41.61 2.60
N LEU C 74 -2.64 -40.35 2.23
CA LEU C 74 -1.99 -39.38 3.10
C LEU C 74 -3.04 -38.42 3.62
N GLU C 75 -3.03 -38.18 4.91
CA GLU C 75 -4.02 -37.38 5.60
C GLU C 75 -3.36 -36.25 6.36
N SER C 76 -3.83 -35.01 6.11
CA SER C 76 -3.32 -33.85 6.82
C SER C 76 -3.97 -33.77 8.22
N ILE C 77 -3.21 -33.35 9.23
CA ILE C 77 -3.60 -33.25 10.64
C ILE C 77 -4.01 -31.84 10.99
N ARG C 78 -3.19 -30.84 10.64
CA ARG C 78 -3.48 -29.41 10.84
C ARG C 78 -3.00 -28.70 9.59
N VAL C 79 -3.84 -27.79 9.05
CA VAL C 79 -3.52 -27.05 7.83
C VAL C 79 -3.62 -25.56 8.10
N THR C 80 -2.53 -24.85 7.84
CA THR C 80 -2.44 -23.40 8.00
C THR C 80 -1.97 -22.79 6.68
N GLY C 81 -1.85 -21.47 6.69
CA GLY C 81 -1.25 -20.74 5.59
C GLY C 81 0.24 -20.73 5.90
N PRO C 82 1.10 -20.10 5.09
CA PRO C 82 2.53 -20.09 5.41
C PRO C 82 2.84 -19.37 6.72
N GLY C 83 3.63 -20.03 7.58
CA GLY C 83 4.04 -19.48 8.86
C GLY C 83 3.07 -19.66 10.00
N GLY C 84 2.08 -20.53 9.84
CA GLY C 84 1.08 -20.82 10.87
C GLY C 84 -0.16 -19.93 10.84
N VAL C 85 -0.16 -18.99 9.90
CA VAL C 85 -1.19 -18.00 9.63
C VAL C 85 -2.51 -18.72 9.25
N PHE C 86 -3.65 -18.06 9.43
CA PHE C 86 -4.94 -18.64 9.08
C PHE C 86 -5.09 -18.84 7.57
N CYS C 87 -5.93 -19.81 7.15
CA CYS C 87 -6.19 -20.05 5.73
C CYS C 87 -7.19 -18.98 5.23
N ILE C 88 -7.39 -18.88 3.90
CA ILE C 88 -8.30 -17.91 3.31
C ILE C 88 -9.74 -18.44 3.15
N GLY C 89 -9.90 -19.58 2.46
CA GLY C 89 -11.20 -20.21 2.19
C GLY C 89 -11.93 -19.69 0.97
N SER C 90 -13.29 -19.86 0.92
CA SER C 90 -14.17 -19.46 -0.21
C SER C 90 -15.62 -18.93 0.16
N GLU C 91 -16.25 -18.12 -0.77
CA GLU C 91 -17.61 -17.51 -0.72
C GLU C 91 -17.86 -16.70 0.55
N ASP C 98 -11.73 -8.73 4.76
CA ASP C 98 -11.15 -7.79 5.73
C ASP C 98 -10.41 -8.48 6.86
N ARG C 99 -9.24 -9.06 6.51
CA ARG C 99 -8.37 -9.79 7.42
C ARG C 99 -6.98 -9.15 7.55
N CYS C 100 -6.37 -9.28 8.74
CA CYS C 100 -5.03 -8.74 9.07
C CYS C 100 -3.99 -9.24 8.04
N TYR C 101 -3.19 -8.30 7.46
CA TYR C 101 -2.13 -8.63 6.48
C TYR C 101 -0.99 -9.43 7.12
N ASN C 102 -0.84 -9.36 8.44
CA ASN C 102 0.20 -10.09 9.15
C ASN C 102 -0.19 -11.53 9.56
N CYS C 103 -1.43 -11.76 10.00
CA CYS C 103 -1.84 -13.08 10.47
C CYS C 103 -3.07 -13.71 9.82
N GLY C 104 -3.87 -12.91 9.10
CA GLY C 104 -5.08 -13.39 8.44
C GLY C 104 -6.32 -13.27 9.31
N GLY C 105 -6.12 -12.77 10.53
CA GLY C 105 -7.17 -12.61 11.53
C GLY C 105 -8.25 -11.64 11.10
N LEU C 106 -9.52 -11.89 11.48
CA LEU C 106 -10.66 -11.05 11.08
C LEU C 106 -10.92 -9.84 11.98
N ASP C 107 -10.54 -9.91 13.26
CA ASP C 107 -10.78 -8.85 14.26
C ASP C 107 -10.00 -7.52 14.13
N HIS C 108 -8.87 -7.49 13.40
CA HIS C 108 -7.97 -6.34 13.37
C HIS C 108 -7.18 -6.17 12.07
N HIS C 109 -6.28 -5.18 12.07
CA HIS C 109 -5.36 -4.81 11.00
C HIS C 109 -3.91 -4.92 11.48
N ALA C 110 -2.97 -5.06 10.53
CA ALA C 110 -1.53 -5.26 10.75
C ALA C 110 -0.87 -4.37 11.81
N LYS C 111 -1.33 -3.10 11.96
CA LYS C 111 -0.81 -2.14 12.93
C LYS C 111 -1.09 -2.60 14.38
N GLU C 112 -2.28 -3.21 14.61
CA GLU C 112 -2.75 -3.68 15.93
C GLU C 112 -2.50 -5.18 16.18
N CYS C 113 -1.74 -5.86 15.27
CA CYS C 113 -1.45 -7.30 15.40
C CYS C 113 -0.57 -7.62 16.61
N LYS C 114 -1.04 -8.56 17.44
CA LYS C 114 -0.35 -8.98 18.65
C LYS C 114 0.75 -10.03 18.36
N LEU C 115 0.71 -10.64 17.16
CA LEU C 115 1.65 -11.65 16.74
C LEU C 115 2.96 -11.07 16.17
N PRO C 116 4.10 -11.83 16.22
CA PRO C 116 5.35 -11.28 15.69
C PRO C 116 5.27 -11.06 14.17
N PRO C 117 5.95 -10.05 13.60
CA PRO C 117 5.82 -9.78 12.16
C PRO C 117 6.16 -10.96 11.27
N GLN C 118 5.26 -11.21 10.32
CA GLN C 118 5.32 -12.30 9.37
C GLN C 118 5.71 -11.78 8.00
N PRO C 119 6.36 -12.60 7.12
CA PRO C 119 6.69 -12.10 5.77
C PRO C 119 5.45 -11.76 4.95
N LYS C 120 5.56 -10.80 3.99
CA LYS C 120 4.44 -10.40 3.13
C LYS C 120 3.94 -11.60 2.31
N LYS C 121 2.62 -11.80 2.31
CA LYS C 121 2.00 -12.91 1.60
C LYS C 121 1.10 -12.35 0.51
N CYS C 122 0.98 -13.06 -0.61
CA CYS C 122 0.14 -12.63 -1.71
C CYS C 122 -1.27 -12.39 -1.21
N HIS C 123 -1.84 -11.24 -1.52
CA HIS C 123 -3.18 -10.88 -1.08
C HIS C 123 -4.25 -11.82 -1.58
N PHE C 124 -3.98 -12.52 -2.68
CA PHE C 124 -4.93 -13.45 -3.26
C PHE C 124 -4.79 -14.89 -2.80
N CYS C 125 -3.56 -15.45 -2.84
CA CYS C 125 -3.33 -16.86 -2.51
C CYS C 125 -2.46 -17.11 -1.28
N GLN C 126 -1.97 -16.04 -0.62
CA GLN C 126 -1.12 -16.16 0.57
C GLN C 126 0.30 -16.72 0.36
N SER C 127 0.74 -16.89 -0.91
CA SER C 127 2.09 -17.33 -1.23
C SER C 127 3.09 -16.31 -0.71
N ILE C 128 4.22 -16.80 -0.18
CA ILE C 128 5.29 -15.97 0.34
C ILE C 128 6.27 -15.60 -0.76
N ASN C 129 6.13 -16.25 -1.94
CA ASN C 129 7.01 -16.12 -3.11
C ASN C 129 6.69 -14.97 -4.06
N HIS C 130 5.42 -14.56 -4.11
CA HIS C 130 5.02 -13.47 -5.00
C HIS C 130 4.02 -12.55 -4.33
N MET C 131 3.70 -11.47 -5.05
CA MET C 131 2.73 -10.52 -4.60
C MET C 131 1.62 -10.43 -5.61
N VAL C 132 0.39 -10.14 -5.14
CA VAL C 132 -0.85 -10.08 -5.90
C VAL C 132 -0.74 -9.57 -7.34
N ALA C 133 0.07 -8.52 -7.56
CA ALA C 133 0.32 -7.94 -8.87
C ALA C 133 0.94 -8.92 -9.87
N SER C 134 1.52 -10.02 -9.38
CA SER C 134 2.20 -11.05 -10.19
C SER C 134 1.68 -12.45 -9.87
N CYS C 135 0.47 -12.53 -9.29
CA CYS C 135 -0.14 -13.79 -8.89
C CYS C 135 -0.62 -14.67 -10.06
N PRO C 136 -0.09 -15.92 -10.19
CA PRO C 136 -0.56 -16.83 -11.27
C PRO C 136 -2.02 -17.25 -11.12
N LEU C 137 -2.48 -17.49 -9.88
CA LEU C 137 -3.87 -17.90 -9.57
C LEU C 137 -4.87 -16.79 -9.94
N LYS C 138 -4.51 -15.51 -9.66
CA LYS C 138 -5.34 -14.35 -9.97
C LYS C 138 -5.50 -14.26 -11.47
N ALA C 139 -4.41 -14.57 -12.22
CA ALA C 139 -4.36 -14.59 -13.69
C ALA C 139 -5.13 -15.81 -14.25
N GLN C 140 -6.47 -15.79 -14.05
CA GLN C 140 -7.44 -16.81 -14.48
C GLN C 140 -8.86 -16.26 -14.46
N PRO D 5 -45.09 9.90 -30.93
CA PRO D 5 -44.39 9.32 -29.77
C PRO D 5 -42.91 9.01 -30.06
N GLN D 6 -42.03 9.96 -29.66
CA GLN D 6 -40.57 9.86 -29.83
C GLN D 6 -39.96 9.34 -28.53
N LEU D 7 -40.44 9.83 -27.36
CA LEU D 7 -39.98 9.38 -26.03
C LEU D 7 -41.02 8.48 -25.41
N LEU D 8 -40.62 7.24 -25.11
CA LEU D 8 -41.53 6.26 -24.54
C LEU D 8 -41.01 5.72 -23.26
N HIS D 9 -41.92 5.40 -22.34
CA HIS D 9 -41.56 4.80 -21.07
C HIS D 9 -41.49 3.28 -21.25
N GLY D 10 -40.43 2.70 -20.70
CA GLY D 10 -40.21 1.26 -20.73
C GLY D 10 -39.85 0.69 -19.38
N ALA D 11 -40.00 -0.65 -19.25
CA ALA D 11 -39.64 -1.42 -18.07
C ALA D 11 -39.33 -2.85 -18.50
N GLY D 12 -38.35 -3.42 -17.84
CA GLY D 12 -37.88 -4.77 -18.08
C GLY D 12 -36.69 -5.10 -17.21
N ILE D 13 -35.81 -5.91 -17.76
CA ILE D 13 -34.62 -6.37 -17.07
C ILE D 13 -33.44 -6.21 -18.01
N CYS D 14 -32.23 -6.32 -17.50
CA CYS D 14 -31.05 -6.21 -18.34
C CYS D 14 -30.84 -7.57 -19.00
N LYS D 15 -30.80 -7.60 -20.36
CA LYS D 15 -30.59 -8.83 -21.14
C LYS D 15 -29.15 -9.29 -20.92
N TRP D 16 -28.21 -8.35 -21.12
CA TRP D 16 -26.79 -8.54 -20.94
C TRP D 16 -26.11 -7.18 -20.89
N PHE D 17 -24.92 -7.14 -20.34
CA PHE D 17 -24.12 -5.95 -20.28
C PHE D 17 -22.65 -6.33 -20.28
N ASN D 18 -21.84 -5.66 -21.09
CA ASN D 18 -20.40 -5.91 -21.07
C ASN D 18 -19.78 -4.65 -20.49
N VAL D 19 -19.26 -4.76 -19.25
CA VAL D 19 -18.72 -3.59 -18.55
C VAL D 19 -17.52 -2.89 -19.23
N ARG D 20 -16.56 -3.67 -19.74
CA ARG D 20 -15.42 -3.11 -20.47
C ARG D 20 -15.90 -2.39 -21.75
N MET D 21 -16.85 -3.02 -22.49
CA MET D 21 -17.38 -2.44 -23.74
C MET D 21 -18.27 -1.21 -23.51
N GLY D 22 -18.77 -1.03 -22.28
CA GLY D 22 -19.57 0.12 -21.89
C GLY D 22 -21.01 0.12 -22.41
N PHE D 23 -21.49 -1.03 -22.89
CA PHE D 23 -22.87 -1.14 -23.40
C PHE D 23 -23.46 -2.54 -23.24
N GLY D 24 -24.72 -2.66 -23.62
CA GLY D 24 -25.47 -3.89 -23.57
C GLY D 24 -26.88 -3.70 -24.07
N PHE D 25 -27.77 -4.59 -23.65
CA PHE D 25 -29.16 -4.56 -24.06
C PHE D 25 -30.06 -4.86 -22.88
N LEU D 26 -31.25 -4.26 -22.92
CA LEU D 26 -32.32 -4.38 -21.97
C LEU D 26 -33.40 -5.23 -22.64
N SER D 27 -34.03 -6.13 -21.89
CA SER D 27 -35.13 -6.94 -22.37
C SER D 27 -36.37 -6.24 -21.84
N MET D 28 -37.04 -5.46 -22.69
CA MET D 28 -38.22 -4.66 -22.31
C MET D 28 -39.45 -5.53 -22.24
N THR D 29 -40.04 -5.64 -21.05
CA THR D 29 -41.20 -6.50 -20.80
C THR D 29 -42.51 -5.72 -20.80
N ALA D 30 -42.43 -4.39 -20.67
CA ALA D 30 -43.58 -3.51 -20.71
C ALA D 30 -43.21 -2.19 -21.38
N ARG D 31 -43.95 -1.85 -22.45
CA ARG D 31 -43.81 -0.63 -23.25
C ARG D 31 -45.03 0.22 -22.97
N ALA D 32 -44.78 1.47 -22.55
CA ALA D 32 -45.80 2.47 -22.23
C ALA D 32 -46.89 1.94 -21.29
N GLY D 33 -46.51 1.08 -20.34
CA GLY D 33 -47.43 0.48 -19.40
C GLY D 33 -47.99 -0.86 -19.84
N VAL D 34 -48.09 -1.10 -21.17
CA VAL D 34 -48.64 -2.35 -21.70
C VAL D 34 -47.60 -3.48 -21.76
N ALA D 35 -47.99 -4.67 -21.29
CA ALA D 35 -47.13 -5.85 -21.23
C ALA D 35 -46.72 -6.35 -22.59
N LEU D 36 -45.42 -6.59 -22.73
CA LEU D 36 -44.80 -7.07 -23.95
C LEU D 36 -44.38 -8.50 -23.80
N ASP D 37 -44.76 -9.26 -24.81
CA ASP D 37 -44.44 -10.66 -24.97
C ASP D 37 -44.54 -11.01 -26.47
N PRO D 38 -43.45 -11.53 -27.07
CA PRO D 38 -42.13 -11.78 -26.42
C PRO D 38 -41.50 -10.43 -26.05
N PRO D 39 -40.52 -10.35 -25.13
CA PRO D 39 -39.92 -9.04 -24.82
C PRO D 39 -39.16 -8.49 -26.02
N VAL D 40 -38.91 -7.17 -26.04
CA VAL D 40 -38.18 -6.54 -27.13
C VAL D 40 -36.88 -5.92 -26.64
N ASP D 41 -35.79 -6.12 -27.40
CA ASP D 41 -34.46 -5.63 -27.02
C ASP D 41 -34.34 -4.14 -27.24
N VAL D 42 -33.82 -3.43 -26.22
CA VAL D 42 -33.56 -1.99 -26.18
C VAL D 42 -32.09 -1.82 -25.76
N PHE D 43 -31.31 -1.10 -26.56
CA PHE D 43 -29.88 -0.85 -26.33
C PHE D 43 -29.65 0.08 -25.12
N VAL D 44 -28.58 -0.17 -24.34
CA VAL D 44 -28.11 0.63 -23.20
C VAL D 44 -26.66 0.96 -23.34
N HIS D 45 -26.32 2.23 -23.15
CA HIS D 45 -24.93 2.68 -23.11
C HIS D 45 -24.67 3.13 -21.66
N GLN D 46 -23.49 2.80 -21.12
CA GLN D 46 -23.11 3.15 -19.75
C GLN D 46 -23.43 4.58 -19.33
N SER D 47 -23.27 5.53 -20.24
CA SER D 47 -23.51 6.95 -20.01
C SER D 47 -24.97 7.30 -19.65
N LYS D 48 -25.92 6.38 -19.94
CA LYS D 48 -27.34 6.62 -19.72
C LYS D 48 -27.86 5.94 -18.46
N LEU D 49 -26.96 5.38 -17.62
CA LEU D 49 -27.31 4.67 -16.39
C LEU D 49 -27.34 5.61 -15.16
N HIS D 50 -28.49 5.65 -14.46
CA HIS D 50 -28.67 6.42 -13.24
C HIS D 50 -28.03 5.64 -12.08
N MET D 51 -26.80 5.98 -11.72
CA MET D 51 -26.11 5.36 -10.60
C MET D 51 -24.93 6.15 -10.14
N GLU D 52 -24.56 5.94 -8.87
CA GLU D 52 -23.44 6.65 -8.23
C GLU D 52 -22.14 5.94 -8.57
N GLY D 53 -21.16 6.72 -8.98
CA GLY D 53 -19.86 6.20 -9.35
C GLY D 53 -19.85 5.50 -10.68
N PHE D 54 -19.06 4.42 -10.78
CA PHE D 54 -18.88 3.61 -12.00
C PHE D 54 -20.15 2.88 -12.41
N ARG D 55 -20.58 3.19 -13.62
CA ARG D 55 -21.79 2.68 -14.26
C ARG D 55 -21.58 1.37 -14.99
N SER D 56 -22.55 0.46 -14.81
CA SER D 56 -22.61 -0.88 -15.35
C SER D 56 -23.97 -1.40 -15.00
N LEU D 57 -24.32 -2.54 -15.57
CA LEU D 57 -25.57 -3.21 -15.29
C LEU D 57 -25.23 -4.67 -15.18
N LYS D 58 -26.04 -5.44 -14.40
CA LYS D 58 -25.81 -6.87 -14.29
C LYS D 58 -26.92 -7.59 -15.03
N GLU D 59 -26.63 -8.77 -15.61
CA GLU D 59 -27.65 -9.54 -16.29
C GLU D 59 -28.83 -9.75 -15.34
N GLY D 60 -30.02 -9.47 -15.83
CA GLY D 60 -31.27 -9.69 -15.11
C GLY D 60 -31.76 -8.65 -14.13
N GLU D 61 -30.98 -7.58 -13.85
CA GLU D 61 -31.46 -6.56 -12.93
C GLU D 61 -32.66 -5.76 -13.48
N ALA D 62 -33.67 -5.53 -12.59
CA ALA D 62 -34.93 -4.82 -12.87
C ALA D 62 -34.63 -3.41 -13.16
N VAL D 63 -35.30 -2.90 -14.18
CA VAL D 63 -35.00 -1.61 -14.75
C VAL D 63 -36.25 -0.91 -15.26
N GLU D 64 -36.27 0.43 -15.12
CA GLU D 64 -37.29 1.36 -15.62
C GLU D 64 -36.50 2.35 -16.43
N PHE D 65 -37.06 2.79 -17.58
CA PHE D 65 -36.33 3.66 -18.49
C PHE D 65 -37.20 4.40 -19.53
N THR D 66 -36.59 5.39 -20.21
CA THR D 66 -37.21 6.13 -21.32
C THR D 66 -36.35 5.81 -22.52
N PHE D 67 -36.98 5.64 -23.68
CA PHE D 67 -36.25 5.26 -24.88
C PHE D 67 -36.84 5.88 -26.12
N LYS D 68 -36.13 5.72 -27.23
CA LYS D 68 -36.51 6.27 -28.51
C LYS D 68 -36.09 5.33 -29.61
N LYS D 69 -36.62 5.55 -30.82
CA LYS D 69 -36.21 4.81 -32.00
C LYS D 69 -34.91 5.46 -32.44
N SER D 70 -33.99 4.67 -32.92
CA SER D 70 -32.72 5.11 -33.45
C SER D 70 -32.50 4.34 -34.75
N ALA D 71 -31.52 4.79 -35.56
CA ALA D 71 -31.21 4.15 -36.81
C ALA D 71 -30.95 2.65 -36.62
N LYS D 72 -30.28 2.28 -35.51
CA LYS D 72 -29.93 0.89 -35.22
C LYS D 72 -31.01 0.05 -34.53
N GLY D 73 -32.04 0.70 -33.99
CA GLY D 73 -33.12 0.03 -33.28
C GLY D 73 -33.71 0.89 -32.20
N LEU D 74 -33.83 0.36 -30.99
CA LEU D 74 -34.35 1.13 -29.85
C LEU D 74 -33.20 1.50 -28.92
N GLU D 75 -33.17 2.75 -28.50
CA GLU D 75 -32.08 3.31 -27.72
C GLU D 75 -32.63 3.93 -26.46
N SER D 76 -32.08 3.53 -25.32
CA SER D 76 -32.50 4.08 -24.03
C SER D 76 -31.82 5.42 -23.78
N ILE D 77 -32.57 6.34 -23.15
CA ILE D 77 -32.18 7.72 -22.86
C ILE D 77 -31.70 7.85 -21.41
N ARG D 78 -32.49 7.36 -20.45
CA ARG D 78 -32.14 7.32 -19.02
C ARG D 78 -32.60 5.97 -18.50
N VAL D 79 -31.73 5.27 -17.75
CA VAL D 79 -32.04 3.94 -17.20
C VAL D 79 -31.90 3.96 -15.69
N THR D 80 -32.99 3.55 -15.00
CA THR D 80 -33.00 3.56 -13.54
C THR D 80 -33.42 2.19 -13.00
N GLY D 81 -33.41 2.04 -11.69
CA GLY D 81 -33.96 0.87 -11.04
C GLY D 81 -35.46 1.08 -10.96
N PRO D 82 -36.29 0.09 -10.56
CA PRO D 82 -37.73 0.35 -10.48
C PRO D 82 -38.02 1.50 -9.50
N GLY D 83 -38.78 2.48 -9.97
CA GLY D 83 -39.15 3.64 -9.18
C GLY D 83 -38.22 4.82 -9.26
N GLY D 84 -37.27 4.76 -10.18
CA GLY D 84 -36.33 5.86 -10.40
C GLY D 84 -35.09 5.81 -9.51
N VAL D 85 -35.04 4.75 -8.72
CA VAL D 85 -33.99 4.35 -7.82
C VAL D 85 -32.71 4.12 -8.67
N PHE D 86 -31.54 4.02 -8.03
CA PHE D 86 -30.30 3.76 -8.74
C PHE D 86 -30.23 2.31 -9.24
N CYS D 87 -29.41 2.03 -10.26
CA CYS D 87 -29.18 0.67 -10.75
C CYS D 87 -28.16 -0.01 -9.80
N ILE D 88 -27.95 -1.34 -9.94
CA ILE D 88 -27.03 -2.07 -9.08
C ILE D 88 -25.60 -2.15 -9.68
N GLY D 89 -25.49 -2.69 -10.91
CA GLY D 89 -24.22 -2.85 -11.62
C GLY D 89 -23.48 -4.14 -11.31
N SER D 90 -22.12 -4.17 -11.53
CA SER D 90 -21.22 -5.34 -11.31
C SER D 90 -19.74 -5.01 -10.81
N GLU D 91 -19.13 -5.94 -10.00
CA GLU D 91 -17.76 -5.91 -9.42
C GLU D 91 -17.42 -4.61 -8.68
N ASP D 98 -23.22 -3.08 -0.40
CA ASP D 98 -23.90 -2.35 0.68
C ASP D 98 -24.42 -0.93 0.29
N ARG D 99 -25.76 -0.81 0.12
CA ARG D 99 -26.52 0.36 -0.37
C ARG D 99 -27.96 0.44 0.24
N CYS D 100 -28.50 1.66 0.43
CA CYS D 100 -29.84 1.95 0.97
C CYS D 100 -30.96 1.04 0.41
N TYR D 101 -31.73 0.40 1.30
CA TYR D 101 -32.82 -0.49 0.90
C TYR D 101 -33.95 0.28 0.22
N ASN D 102 -34.05 1.60 0.50
CA ASN D 102 -35.09 2.44 -0.07
C ASN D 102 -34.76 3.06 -1.42
N CYS D 103 -33.51 3.50 -1.63
CA CYS D 103 -33.14 4.19 -2.86
C CYS D 103 -31.95 3.65 -3.65
N GLY D 104 -31.14 2.78 -3.03
CA GLY D 104 -29.95 2.23 -3.66
C GLY D 104 -28.72 3.08 -3.48
N GLY D 105 -28.85 4.18 -2.74
CA GLY D 105 -27.76 5.13 -2.47
C GLY D 105 -26.66 4.51 -1.63
N LEU D 106 -25.38 4.89 -1.88
CA LEU D 106 -24.23 4.32 -1.15
C LEU D 106 -23.90 4.98 0.19
N ASP D 107 -24.25 6.26 0.35
CA ASP D 107 -23.93 7.07 1.55
C ASP D 107 -24.65 6.72 2.87
N HIS D 108 -25.82 6.06 2.82
CA HIS D 108 -26.67 5.83 4.00
C HIS D 108 -27.48 4.54 3.98
N HIS D 109 -28.34 4.39 5.02
CA HIS D 109 -29.26 3.28 5.22
C HIS D 109 -30.70 3.80 5.23
N ALA D 110 -31.65 2.92 4.89
CA ALA D 110 -33.09 3.20 4.77
C ALA D 110 -33.73 4.04 5.85
N LYS D 111 -33.27 3.91 7.11
CA LYS D 111 -33.78 4.65 8.28
C LYS D 111 -33.53 6.15 8.11
N GLU D 112 -32.44 6.52 7.43
CA GLU D 112 -32.07 7.92 7.17
C GLU D 112 -32.09 8.22 5.66
N CYS D 113 -33.16 7.79 4.97
CA CYS D 113 -33.31 8.05 3.54
C CYS D 113 -34.22 9.28 3.41
N LYS D 114 -33.71 10.31 2.71
CA LYS D 114 -34.43 11.58 2.51
C LYS D 114 -35.55 11.47 1.47
N LEU D 115 -35.52 10.40 0.68
CA LEU D 115 -36.49 10.14 -0.38
C LEU D 115 -37.80 9.51 0.14
N PRO D 116 -38.97 9.71 -0.55
CA PRO D 116 -40.22 9.12 -0.04
C PRO D 116 -40.16 7.59 -0.07
N PRO D 117 -40.82 6.88 0.87
CA PRO D 117 -40.71 5.41 0.91
C PRO D 117 -41.09 4.73 -0.38
N GLN D 118 -40.20 3.84 -0.80
CA GLN D 118 -40.30 3.10 -2.04
C GLN D 118 -40.73 1.67 -1.74
N PRO D 119 -41.42 0.97 -2.67
CA PRO D 119 -41.79 -0.43 -2.39
C PRO D 119 -40.55 -1.33 -2.22
N LYS D 120 -40.69 -2.44 -1.44
CA LYS D 120 -39.60 -3.38 -1.22
C LYS D 120 -39.13 -3.99 -2.53
N LYS D 121 -37.81 -4.02 -2.75
CA LYS D 121 -37.21 -4.53 -3.98
C LYS D 121 -36.33 -5.70 -3.64
N CYS D 122 -36.20 -6.65 -4.57
CA CYS D 122 -35.36 -7.82 -4.39
C CYS D 122 -33.93 -7.38 -4.08
N HIS D 123 -33.38 -7.90 -2.99
CA HIS D 123 -32.01 -7.55 -2.59
C HIS D 123 -30.97 -7.87 -3.64
N PHE D 124 -31.22 -8.90 -4.45
CA PHE D 124 -30.33 -9.32 -5.50
C PHE D 124 -30.51 -8.65 -6.86
N CYS D 125 -31.76 -8.52 -7.38
CA CYS D 125 -32.04 -7.97 -8.71
C CYS D 125 -32.90 -6.70 -8.74
N GLN D 126 -33.35 -6.22 -7.57
CA GLN D 126 -34.17 -5.01 -7.43
C GLN D 126 -35.60 -5.12 -7.99
N SER D 127 -36.07 -6.32 -8.34
CA SER D 127 -37.43 -6.52 -8.82
C SER D 127 -38.39 -6.16 -7.72
N ILE D 128 -39.50 -5.51 -8.10
CA ILE D 128 -40.58 -5.13 -7.17
C ILE D 128 -41.58 -6.26 -7.03
N ASN D 129 -41.46 -7.31 -7.89
CA ASN D 129 -42.36 -8.47 -7.97
C ASN D 129 -42.07 -9.62 -7.00
N HIS D 130 -40.83 -9.77 -6.58
CA HIS D 130 -40.43 -10.83 -5.66
C HIS D 130 -39.42 -10.35 -4.64
N MET D 131 -39.14 -11.20 -3.69
CA MET D 131 -38.11 -10.93 -2.72
C MET D 131 -37.01 -11.98 -2.82
N VAL D 132 -35.78 -11.55 -2.47
CA VAL D 132 -34.55 -12.34 -2.57
C VAL D 132 -34.70 -13.81 -2.29
N ALA D 133 -35.49 -14.19 -1.27
CA ALA D 133 -35.74 -15.57 -0.92
C ALA D 133 -36.41 -16.40 -2.03
N SER D 134 -37.00 -15.74 -3.03
CA SER D 134 -37.68 -16.38 -4.15
C SER D 134 -37.17 -15.86 -5.51
N CYS D 135 -35.98 -15.20 -5.52
CA CYS D 135 -35.35 -14.63 -6.72
C CYS D 135 -34.95 -15.67 -7.77
N PRO D 136 -35.53 -15.58 -8.98
CA PRO D 136 -35.19 -16.55 -10.03
C PRO D 136 -33.74 -16.44 -10.49
N LEU D 137 -33.19 -15.24 -10.40
CA LEU D 137 -31.83 -14.92 -10.81
C LEU D 137 -30.77 -15.43 -9.82
N LYS D 138 -31.13 -15.56 -8.52
CA LYS D 138 -30.21 -16.10 -7.51
C LYS D 138 -30.02 -17.58 -7.76
N ALA D 139 -31.11 -18.29 -8.15
CA ALA D 139 -31.10 -19.71 -8.51
C ALA D 139 -30.01 -20.03 -9.55
N GLN D 140 -29.76 -19.10 -10.51
CA GLN D 140 -28.74 -19.20 -11.55
C GLN D 140 -27.37 -18.78 -11.00
N PRO E 5 0.35 1.58 81.11
CA PRO E 5 0.17 1.36 79.67
C PRO E 5 -0.04 -0.12 79.33
N GLN E 6 -1.32 -0.51 79.13
CA GLN E 6 -1.72 -1.87 78.79
C GLN E 6 -1.89 -1.99 77.27
N LEU E 7 -2.50 -0.97 76.63
CA LEU E 7 -2.79 -0.84 75.21
C LEU E 7 -1.81 0.15 74.61
N LEU E 8 -0.91 -0.34 73.75
CA LEU E 8 0.11 0.51 73.17
C LEU E 8 0.02 0.63 71.67
N HIS E 9 0.44 1.79 71.17
CA HIS E 9 0.52 2.09 69.76
C HIS E 9 1.83 1.54 69.22
N GLY E 10 1.76 0.91 68.08
CA GLY E 10 2.93 0.34 67.43
C GLY E 10 2.93 0.60 65.95
N ALA E 11 4.15 0.57 65.36
CA ALA E 11 4.36 0.71 63.92
C ALA E 11 5.64 -0.01 63.54
N GLY E 12 5.58 -0.68 62.41
CA GLY E 12 6.71 -1.41 61.86
C GLY E 12 6.34 -2.05 60.54
N ILE E 13 6.91 -3.20 60.29
CA ILE E 13 6.65 -3.97 59.09
C ILE E 13 6.38 -5.38 59.53
N CYS E 14 5.81 -6.18 58.65
CA CYS E 14 5.57 -7.58 58.94
C CYS E 14 6.94 -8.31 58.84
N LYS E 15 7.32 -9.11 59.86
CA LYS E 15 8.57 -9.86 59.88
C LYS E 15 8.42 -11.07 58.98
N TRP E 16 7.35 -11.84 59.21
CA TRP E 16 6.96 -13.05 58.47
C TRP E 16 5.51 -13.38 58.77
N PHE E 17 4.89 -14.18 57.92
CA PHE E 17 3.52 -14.64 58.10
C PHE E 17 3.27 -15.95 57.36
N ASN E 18 2.86 -16.99 58.12
CA ASN E 18 2.53 -18.26 57.49
C ASN E 18 1.04 -18.20 57.33
N VAL E 19 0.58 -18.12 56.07
CA VAL E 19 -0.87 -17.99 55.85
C VAL E 19 -1.71 -19.22 56.26
N ARG E 20 -1.22 -20.44 55.97
CA ARG E 20 -1.88 -21.69 56.39
C ARG E 20 -1.95 -21.75 57.93
N MET E 21 -0.84 -21.41 58.62
CA MET E 21 -0.77 -21.43 60.09
C MET E 21 -1.61 -20.33 60.76
N GLY E 22 -1.96 -19.30 60.01
CA GLY E 22 -2.82 -18.23 60.49
C GLY E 22 -2.18 -17.23 61.42
N PHE E 23 -0.84 -17.22 61.47
CA PHE E 23 -0.12 -16.28 62.31
C PHE E 23 1.27 -15.94 61.79
N GLY E 24 1.87 -14.96 62.41
CA GLY E 24 3.21 -14.51 62.11
C GLY E 24 3.68 -13.53 63.14
N PHE E 25 4.68 -12.76 62.78
CA PHE E 25 5.27 -11.75 63.64
C PHE E 25 5.48 -10.47 62.87
N LEU E 26 5.42 -9.34 63.62
CA LEU E 26 5.64 -8.00 63.14
C LEU E 26 6.96 -7.55 63.71
N SER E 27 7.71 -6.76 62.94
CA SER E 27 8.98 -6.21 63.39
C SER E 27 8.66 -4.76 63.71
N MET E 28 8.36 -4.48 65.00
CA MET E 28 7.99 -3.15 65.49
C MET E 28 9.22 -2.22 65.51
N THR E 29 9.16 -1.16 64.71
CA THR E 29 10.25 -0.20 64.60
C THR E 29 9.99 1.05 65.42
N ALA E 30 8.73 1.31 65.79
CA ALA E 30 8.36 2.45 66.60
C ALA E 30 7.26 2.06 67.57
N ARG E 31 7.53 2.26 68.87
CA ARG E 31 6.60 1.98 69.98
C ARG E 31 6.19 3.33 70.55
N ALA E 32 4.89 3.55 70.66
CA ALA E 32 4.27 4.76 71.18
C ALA E 32 4.83 6.04 70.57
N GLY E 33 5.14 5.99 69.28
CA GLY E 33 5.71 7.13 68.57
C GLY E 33 7.23 7.18 68.55
N VAL E 34 7.89 6.59 69.58
CA VAL E 34 9.34 6.60 69.71
C VAL E 34 10.01 5.46 68.91
N ALA E 35 11.07 5.80 68.15
CA ALA E 35 11.82 4.86 67.31
C ALA E 35 12.58 3.82 68.15
N LEU E 36 12.63 2.58 67.66
CA LEU E 36 13.32 1.48 68.33
C LEU E 36 14.41 0.91 67.48
N ASP E 37 15.59 0.75 68.09
CA ASP E 37 16.76 0.15 67.47
C ASP E 37 17.47 -0.64 68.57
N PRO E 38 17.45 -2.00 68.51
CA PRO E 38 16.93 -2.87 67.43
C PRO E 38 15.40 -2.95 67.45
N PRO E 39 14.73 -3.41 66.35
CA PRO E 39 13.27 -3.58 66.41
C PRO E 39 12.88 -4.74 67.34
N VAL E 40 11.62 -4.75 67.78
CA VAL E 40 11.13 -5.81 68.67
C VAL E 40 9.97 -6.58 68.04
N ASP E 41 10.01 -7.91 68.13
CA ASP E 41 8.96 -8.77 67.57
C ASP E 41 7.68 -8.74 68.38
N VAL E 42 6.56 -8.58 67.66
CA VAL E 42 5.17 -8.53 68.14
C VAL E 42 4.38 -9.56 67.30
N PHE E 43 3.72 -10.48 68.00
CA PHE E 43 2.94 -11.55 67.40
C PHE E 43 1.67 -11.03 66.73
N VAL E 44 1.28 -11.62 65.58
CA VAL E 44 0.06 -11.34 64.82
C VAL E 44 -0.70 -12.61 64.56
N HIS E 45 -2.00 -12.60 64.80
CA HIS E 45 -2.88 -13.70 64.47
C HIS E 45 -3.80 -13.18 63.40
N GLN E 46 -4.10 -14.02 62.39
CA GLN E 46 -4.97 -13.65 61.26
C GLN E 46 -6.26 -12.92 61.65
N SER E 47 -6.87 -13.31 62.77
CA SER E 47 -8.11 -12.74 63.29
C SER E 47 -8.00 -11.26 63.67
N LYS E 48 -6.78 -10.75 63.85
CA LYS E 48 -6.54 -9.36 64.25
C LYS E 48 -6.17 -8.44 63.11
N LEU E 49 -6.28 -8.91 61.86
CA LEU E 49 -5.92 -8.15 60.68
C LEU E 49 -7.13 -7.40 60.09
N HIS E 50 -7.00 -6.07 59.93
CA HIS E 50 -8.02 -5.20 59.33
C HIS E 50 -7.91 -5.34 57.81
N MET E 51 -8.75 -6.22 57.23
CA MET E 51 -8.76 -6.53 55.81
C MET E 51 -10.12 -6.97 55.36
N GLU E 52 -10.41 -6.76 54.06
CA GLU E 52 -11.63 -7.25 53.44
C GLU E 52 -11.29 -8.66 52.94
N GLY E 53 -12.18 -9.59 53.21
CA GLY E 53 -12.00 -10.97 52.81
C GLY E 53 -10.97 -11.73 53.61
N PHE E 54 -10.21 -12.59 52.91
CA PHE E 54 -9.20 -13.47 53.48
C PHE E 54 -8.02 -12.72 54.05
N ARG E 55 -7.79 -12.91 55.34
CA ARG E 55 -6.74 -12.26 56.10
C ARG E 55 -5.42 -12.97 56.06
N SER E 56 -4.35 -12.17 55.89
CA SER E 56 -2.95 -12.54 55.77
C SER E 56 -2.09 -11.25 55.77
N LEU E 57 -0.78 -11.41 55.82
CA LEU E 57 0.17 -10.31 55.71
C LEU E 57 1.28 -10.82 54.84
N LYS E 58 1.95 -9.92 54.09
CA LYS E 58 3.09 -10.34 53.29
C LYS E 58 4.35 -9.84 54.00
N GLU E 59 5.44 -10.61 53.92
CA GLU E 59 6.69 -10.21 54.54
C GLU E 59 7.03 -8.78 54.08
N GLY E 60 7.34 -7.93 55.05
CA GLY E 60 7.77 -6.56 54.82
C GLY E 60 6.74 -5.47 54.61
N GLU E 61 5.44 -5.81 54.51
CA GLU E 61 4.42 -4.79 54.32
C GLU E 61 4.29 -3.89 55.54
N ALA E 62 4.15 -2.56 55.31
CA ALA E 62 4.03 -1.52 56.33
C ALA E 62 2.75 -1.70 57.09
N VAL E 63 2.88 -1.56 58.40
CA VAL E 63 1.82 -1.88 59.36
C VAL E 63 1.81 -0.92 60.56
N GLU E 64 0.61 -0.61 61.04
CA GLU E 64 0.35 0.24 62.20
C GLU E 64 -0.59 -0.58 63.07
N PHE E 65 -0.28 -0.69 64.36
CA PHE E 65 -1.07 -1.56 65.22
C PHE E 65 -1.19 -1.11 66.68
N THR E 66 -2.04 -1.81 67.43
CA THR E 66 -2.22 -1.69 68.88
C THR E 66 -1.81 -3.03 69.45
N PHE E 67 -1.12 -3.02 70.57
CA PHE E 67 -0.66 -4.29 71.12
C PHE E 67 -0.69 -4.25 72.62
N LYS E 68 -0.45 -5.41 73.24
CA LYS E 68 -0.42 -5.61 74.68
C LYS E 68 0.60 -6.68 75.05
N LYS E 69 0.94 -6.75 76.34
CA LYS E 69 1.81 -7.80 76.86
C LYS E 69 0.89 -9.01 77.05
N SER E 70 1.41 -10.19 76.78
CA SER E 70 0.72 -11.45 76.94
C SER E 70 1.70 -12.41 77.60
N ALA E 71 1.23 -13.53 78.13
CA ALA E 71 2.06 -14.54 78.78
C ALA E 71 3.18 -15.01 77.83
N LYS E 72 2.86 -15.10 76.50
CA LYS E 72 3.82 -15.55 75.50
C LYS E 72 4.75 -14.48 74.93
N GLY E 73 4.45 -13.20 75.18
CA GLY E 73 5.25 -12.08 74.71
C GLY E 73 4.41 -10.84 74.43
N LEU E 74 4.59 -10.24 73.24
CA LEU E 74 3.78 -9.09 72.84
C LEU E 74 2.78 -9.55 71.81
N GLU E 75 1.52 -9.15 71.98
CA GLU E 75 0.42 -9.59 71.14
C GLU E 75 -0.31 -8.40 70.57
N SER E 76 -0.46 -8.38 69.24
CA SER E 76 -1.16 -7.29 68.56
C SER E 76 -2.67 -7.53 68.67
N ILE E 77 -3.43 -6.42 68.83
CA ILE E 77 -4.88 -6.40 69.02
C ILE E 77 -5.61 -6.13 67.71
N ARG E 78 -5.19 -5.09 67.00
CA ARG E 78 -5.72 -4.71 65.68
C ARG E 78 -4.53 -4.30 64.83
N VAL E 79 -4.46 -4.81 63.59
CA VAL E 79 -3.37 -4.53 62.67
C VAL E 79 -3.94 -3.96 61.38
N THR E 80 -3.49 -2.76 61.01
CA THR E 80 -3.89 -2.06 59.79
C THR E 80 -2.65 -1.62 59.01
N GLY E 81 -2.87 -1.06 57.82
CA GLY E 81 -1.80 -0.42 57.06
C GLY E 81 -1.54 0.93 57.69
N PRO E 82 -0.60 1.75 57.20
CA PRO E 82 -0.42 3.07 57.84
C PRO E 82 -1.68 3.93 57.63
N GLY E 83 -2.09 4.62 58.69
CA GLY E 83 -3.26 5.47 58.67
C GLY E 83 -4.58 4.75 58.84
N GLY E 84 -4.52 3.49 59.24
CA GLY E 84 -5.70 2.67 59.53
C GLY E 84 -6.31 1.99 58.33
N VAL E 85 -5.62 2.12 57.19
CA VAL E 85 -5.92 1.57 55.86
C VAL E 85 -5.88 0.03 55.96
N PHE E 86 -6.52 -0.68 55.04
CA PHE E 86 -6.49 -2.14 55.02
C PHE E 86 -5.10 -2.69 54.75
N CYS E 87 -4.79 -3.90 55.23
CA CYS E 87 -3.53 -4.58 54.94
C CYS E 87 -3.55 -5.13 53.49
N ILE E 88 -2.39 -5.55 52.96
CA ILE E 88 -2.29 -6.09 51.59
C ILE E 88 -2.53 -7.62 51.51
N GLY E 89 -1.79 -8.41 52.31
CA GLY E 89 -1.89 -9.87 52.32
C GLY E 89 -1.08 -10.57 51.25
N SER E 90 -1.42 -11.87 50.94
CA SER E 90 -0.73 -12.76 49.97
C SER E 90 -1.65 -13.74 49.12
N GLU E 91 -1.19 -14.13 47.88
CA GLU E 91 -1.82 -15.07 46.90
C GLU E 91 -3.30 -14.78 46.58
N ASP E 98 -8.33 -5.08 41.88
CA ASP E 98 -7.37 -4.06 42.31
C ASP E 98 -7.92 -3.17 43.44
N ARG E 99 -7.05 -2.79 44.38
CA ARG E 99 -7.44 -1.97 45.52
C ARG E 99 -7.23 -0.46 45.37
N CYS E 100 -8.11 0.34 46.02
CA CYS E 100 -8.10 1.82 46.07
C CYS E 100 -6.74 2.36 46.56
N TYR E 101 -6.16 3.33 45.82
CA TYR E 101 -4.89 3.96 46.18
C TYR E 101 -4.99 4.75 47.50
N ASN E 102 -6.21 5.19 47.86
CA ASN E 102 -6.43 5.95 49.08
C ASN E 102 -6.67 5.12 50.33
N CYS E 103 -7.43 4.00 50.23
CA CYS E 103 -7.81 3.22 51.42
C CYS E 103 -7.48 1.73 51.40
N GLY E 104 -7.18 1.19 50.22
CA GLY E 104 -6.89 -0.23 50.07
C GLY E 104 -8.12 -1.08 49.86
N GLY E 105 -9.28 -0.43 49.76
CA GLY E 105 -10.57 -1.08 49.54
C GLY E 105 -10.64 -1.74 48.17
N LEU E 106 -11.35 -2.89 48.07
CA LEU E 106 -11.45 -3.65 46.83
C LEU E 106 -12.55 -3.18 45.87
N ASP E 107 -13.63 -2.58 46.39
CA ASP E 107 -14.81 -2.17 45.61
C ASP E 107 -14.66 -0.98 44.63
N HIS E 108 -13.65 -0.11 44.82
CA HIS E 108 -13.54 1.14 44.05
C HIS E 108 -12.10 1.61 43.82
N HIS E 109 -11.99 2.82 43.20
CA HIS E 109 -10.76 3.54 42.91
C HIS E 109 -10.73 4.88 43.64
N ALA E 110 -9.52 5.44 43.87
CA ALA E 110 -9.25 6.68 44.60
C ALA E 110 -10.16 7.88 44.31
N LYS E 111 -10.61 8.03 43.04
CA LYS E 111 -11.48 9.10 42.55
C LYS E 111 -12.88 9.02 43.21
N GLU E 112 -13.38 7.78 43.45
CA GLU E 112 -14.70 7.49 44.05
C GLU E 112 -14.62 7.17 45.55
N CYS E 113 -13.43 7.33 46.19
CA CYS E 113 -13.25 7.02 47.62
C CYS E 113 -14.02 7.98 48.51
N LYS E 114 -14.84 7.41 49.40
CA LYS E 114 -15.68 8.16 50.32
C LYS E 114 -14.92 8.59 51.59
N LEU E 115 -13.73 8.01 51.80
CA LEU E 115 -12.88 8.30 52.95
C LEU E 115 -12.02 9.55 52.77
N PRO E 116 -11.59 10.22 53.88
CA PRO E 116 -10.77 11.44 53.71
C PRO E 116 -9.41 11.13 53.08
N PRO E 117 -8.84 12.06 52.26
CA PRO E 117 -7.57 11.75 51.59
C PRO E 117 -6.44 11.35 52.52
N GLN E 118 -5.78 10.26 52.15
CA GLN E 118 -4.69 9.66 52.89
C GLN E 118 -3.38 9.93 52.17
N PRO E 119 -2.22 9.97 52.86
CA PRO E 119 -0.95 10.19 52.15
C PRO E 119 -0.62 9.04 51.18
N LYS E 120 0.18 9.33 50.12
CA LYS E 120 0.60 8.32 49.14
C LYS E 120 1.40 7.20 49.84
N LYS E 121 1.05 5.96 49.55
CA LYS E 121 1.70 4.79 50.13
C LYS E 121 2.37 4.00 49.01
N CYS E 122 3.51 3.34 49.32
CA CYS E 122 4.20 2.51 48.35
C CYS E 122 3.25 1.44 47.79
N HIS E 123 3.11 1.40 46.47
CA HIS E 123 2.22 0.48 45.78
C HIS E 123 2.46 -0.98 46.12
N PHE E 124 3.71 -1.31 46.48
CA PHE E 124 4.09 -2.66 46.83
C PHE E 124 3.95 -3.01 48.31
N CYS E 125 4.50 -2.18 49.23
CA CYS E 125 4.51 -2.47 50.66
C CYS E 125 3.67 -1.54 51.54
N GLN E 126 3.02 -0.51 50.96
CA GLN E 126 2.17 0.45 51.67
C GLN E 126 2.90 1.43 52.60
N SER E 127 4.25 1.48 52.57
CA SER E 127 5.02 2.41 53.39
C SER E 127 4.70 3.82 52.98
N ILE E 128 4.62 4.72 53.97
CA ILE E 128 4.35 6.13 53.74
C ILE E 128 5.65 6.91 53.50
N ASN E 129 6.81 6.24 53.73
CA ASN E 129 8.17 6.79 53.63
C ASN E 129 8.81 6.78 52.26
N HIS E 130 8.39 5.84 51.40
CA HIS E 130 8.94 5.75 50.04
C HIS E 130 7.86 5.42 49.02
N MET E 131 8.25 5.43 47.75
CA MET E 131 7.37 5.03 46.67
C MET E 131 7.96 3.85 45.92
N VAL E 132 7.08 3.01 45.36
CA VAL E 132 7.38 1.75 44.65
C VAL E 132 8.68 1.71 43.89
N ALA E 133 8.99 2.80 43.14
CA ALA E 133 10.23 2.94 42.37
C ALA E 133 11.52 2.85 43.22
N SER E 134 11.40 3.07 44.56
CA SER E 134 12.52 3.05 45.49
C SER E 134 12.27 2.10 46.66
N CYS E 135 11.34 1.15 46.47
CA CYS E 135 10.94 0.15 47.46
C CYS E 135 12.02 -0.88 47.72
N PRO E 136 12.51 -0.99 48.97
CA PRO E 136 13.53 -2.02 49.26
C PRO E 136 13.01 -3.45 49.10
N LEU E 137 11.71 -3.67 49.40
CA LEU E 137 11.02 -4.96 49.29
C LEU E 137 10.97 -5.43 47.84
N LYS E 138 10.54 -4.53 46.93
CA LYS E 138 10.46 -4.79 45.50
C LYS E 138 11.87 -5.05 45.01
N ALA E 139 12.88 -4.38 45.61
CA ALA E 139 14.30 -4.58 45.30
C ALA E 139 14.78 -5.88 45.97
N GLN E 140 14.19 -7.02 45.51
CA GLN E 140 14.43 -8.42 45.92
C GLN E 140 13.56 -9.36 45.07
N PRO F 5 15.13 -35.09 5.08
CA PRO F 5 14.41 -34.46 6.22
C PRO F 5 15.21 -33.37 6.93
N GLN F 6 14.94 -32.10 6.53
CA GLN F 6 15.59 -30.91 7.08
C GLN F 6 14.68 -30.29 8.16
N LEU F 7 13.35 -30.28 7.90
CA LEU F 7 12.26 -29.75 8.73
C LEU F 7 11.58 -30.90 9.40
N LEU F 8 11.66 -30.96 10.72
CA LEU F 8 11.09 -32.07 11.45
C LEU F 8 10.03 -31.64 12.44
N HIS F 9 9.04 -32.53 12.69
CA HIS F 9 7.99 -32.22 13.65
C HIS F 9 8.41 -32.74 15.01
N GLY F 10 8.27 -31.91 16.02
CA GLY F 10 8.63 -32.26 17.38
C GLY F 10 7.59 -31.84 18.38
N ALA F 11 7.54 -32.53 19.53
CA ALA F 11 6.66 -32.27 20.66
C ALA F 11 7.37 -32.68 21.95
N GLY F 12 6.98 -32.02 23.02
CA GLY F 12 7.56 -32.21 24.34
C GLY F 12 7.18 -31.06 25.24
N ILE F 13 8.06 -30.74 26.16
CA ILE F 13 7.83 -29.68 27.15
C ILE F 13 9.01 -28.74 27.18
N CYS F 14 8.85 -27.57 27.81
CA CYS F 14 9.94 -26.62 27.97
C CYS F 14 10.86 -27.12 29.09
N LYS F 15 12.16 -27.31 28.79
CA LYS F 15 13.13 -27.77 29.78
C LYS F 15 13.39 -26.62 30.75
N TRP F 16 13.72 -25.44 30.21
CA TRP F 16 13.98 -24.22 30.93
C TRP F 16 13.93 -23.06 29.96
N PHE F 17 13.77 -21.84 30.50
CA PHE F 17 13.74 -20.62 29.72
C PHE F 17 14.16 -19.47 30.57
N ASN F 18 15.04 -18.64 30.05
CA ASN F 18 15.48 -17.42 30.71
C ASN F 18 14.86 -16.29 29.91
N VAL F 19 13.88 -15.59 30.50
CA VAL F 19 13.18 -14.53 29.79
C VAL F 19 14.04 -13.33 29.39
N ARG F 20 14.89 -12.84 30.30
CA ARG F 20 15.81 -11.73 30.03
C ARG F 20 16.79 -12.14 28.91
N MET F 21 17.33 -13.38 28.97
CA MET F 21 18.29 -13.87 27.97
C MET F 21 17.67 -14.15 26.59
N GLY F 22 16.35 -14.29 26.55
CA GLY F 22 15.60 -14.51 25.32
C GLY F 22 15.69 -15.89 24.73
N PHE F 23 16.17 -16.87 25.48
CA PHE F 23 16.28 -18.25 25.00
C PHE F 23 16.19 -19.30 26.12
N GLY F 24 16.12 -20.54 25.70
CA GLY F 24 16.02 -21.70 26.57
C GLY F 24 16.14 -22.96 25.77
N PHE F 25 15.66 -24.05 26.35
CA PHE F 25 15.68 -25.37 25.73
C PHE F 25 14.37 -26.06 25.98
N LEU F 26 14.00 -26.93 25.03
CA LEU F 26 12.83 -27.79 25.05
C LEU F 26 13.32 -29.19 25.32
N SER F 27 12.51 -29.99 25.97
CA SER F 27 12.81 -31.39 26.21
C SER F 27 11.88 -32.14 25.27
N MET F 28 12.40 -32.54 24.09
CA MET F 28 11.63 -33.22 23.05
C MET F 28 11.38 -34.67 23.43
N THR F 29 10.11 -35.05 23.57
CA THR F 29 9.67 -36.40 23.99
C THR F 29 9.18 -37.24 22.81
N ALA F 30 8.84 -36.59 21.68
CA ALA F 30 8.40 -37.28 20.48
C ALA F 30 8.90 -36.51 19.27
N ARG F 31 9.65 -37.22 18.40
CA ARG F 31 10.22 -36.71 17.16
C ARG F 31 9.48 -37.39 16.02
N ALA F 32 8.93 -36.59 15.10
CA ALA F 32 8.18 -37.04 13.93
C ALA F 32 7.11 -38.08 14.24
N GLY F 33 6.44 -37.90 15.36
CA GLY F 33 5.40 -38.80 15.83
C GLY F 33 5.89 -39.93 16.72
N VAL F 34 7.16 -40.37 16.55
CA VAL F 34 7.73 -41.47 17.32
C VAL F 34 8.25 -41.02 18.70
N ALA F 35 7.92 -41.78 19.75
CA ALA F 35 8.32 -41.52 21.13
C ALA F 35 9.82 -41.59 21.36
N LEU F 36 10.31 -40.64 22.20
CA LEU F 36 11.70 -40.57 22.61
C LEU F 36 11.84 -40.72 24.13
N ASP F 37 12.65 -41.70 24.53
CA ASP F 37 12.98 -42.01 25.91
C ASP F 37 14.42 -42.51 25.88
N PRO F 38 15.40 -41.74 26.42
CA PRO F 38 15.26 -40.48 27.15
C PRO F 38 14.95 -39.29 26.23
N PRO F 39 14.44 -38.15 26.75
CA PRO F 39 14.17 -37.01 25.87
C PRO F 39 15.47 -36.38 25.36
N VAL F 40 15.38 -35.61 24.27
CA VAL F 40 16.54 -34.93 23.68
C VAL F 40 16.30 -33.42 23.69
N ASP F 41 17.33 -32.64 24.04
CA ASP F 41 17.22 -31.18 24.13
C ASP F 41 17.20 -30.50 22.77
N VAL F 42 16.24 -29.57 22.56
CA VAL F 42 16.05 -28.74 21.36
C VAL F 42 16.05 -27.26 21.81
N PHE F 43 16.95 -26.43 21.24
CA PHE F 43 17.10 -25.01 21.55
C PHE F 43 15.89 -24.18 21.09
N VAL F 44 15.48 -23.18 21.90
CA VAL F 44 14.41 -22.22 21.61
C VAL F 44 14.91 -20.82 21.78
N HIS F 45 14.63 -19.96 20.80
CA HIS F 45 14.88 -18.54 20.88
C HIS F 45 13.52 -17.85 20.91
N GLN F 46 13.37 -16.81 21.76
CA GLN F 46 12.11 -16.07 21.91
C GLN F 46 11.42 -15.71 20.60
N SER F 47 12.18 -15.37 19.57
CA SER F 47 11.68 -14.99 18.26
C SER F 47 10.88 -16.10 17.54
N LYS F 48 11.04 -17.35 17.98
CA LYS F 48 10.40 -18.50 17.36
C LYS F 48 9.15 -18.96 18.08
N LEU F 49 8.68 -18.15 19.01
CA LEU F 49 7.51 -18.47 19.84
C LEU F 49 6.20 -17.91 19.28
N HIS F 50 5.21 -18.80 19.10
CA HIS F 50 3.89 -18.40 18.63
C HIS F 50 3.10 -17.91 19.85
N MET F 51 3.07 -16.59 20.05
CA MET F 51 2.42 -15.94 21.17
C MET F 51 1.97 -14.56 20.84
N GLU F 52 0.95 -14.07 21.56
CA GLU F 52 0.50 -12.69 21.44
C GLU F 52 1.31 -11.89 22.45
N GLY F 53 1.84 -10.77 21.99
CA GLY F 53 2.66 -9.90 22.81
C GLY F 53 4.05 -10.45 23.10
N PHE F 54 4.52 -10.20 24.32
CA PHE F 54 5.83 -10.58 24.83
C PHE F 54 6.01 -12.09 24.92
N ARG F 55 7.03 -12.57 24.21
CA ARG F 55 7.38 -13.98 24.10
C ARG F 55 8.31 -14.44 25.18
N SER F 56 8.04 -15.63 25.70
CA SER F 56 8.75 -16.34 26.77
C SER F 56 8.11 -17.73 26.86
N LEU F 57 8.69 -18.60 27.66
CA LEU F 57 8.15 -19.92 27.93
C LEU F 57 8.31 -20.18 29.43
N LYS F 58 7.51 -21.09 29.99
CA LYS F 58 7.70 -21.41 31.39
C LYS F 58 8.17 -22.84 31.49
N GLU F 59 9.02 -23.16 32.49
CA GLU F 59 9.47 -24.52 32.68
C GLU F 59 8.28 -25.46 32.70
N GLY F 60 8.38 -26.51 31.89
CA GLY F 60 7.42 -27.60 31.83
C GLY F 60 6.18 -27.43 30.98
N GLU F 61 5.95 -26.23 30.41
CA GLU F 61 4.77 -26.03 29.56
C GLU F 61 4.82 -26.87 28.29
N ALA F 62 3.67 -27.48 27.93
CA ALA F 62 3.54 -28.34 26.76
C ALA F 62 3.70 -27.57 25.49
N VAL F 63 4.53 -28.14 24.62
CA VAL F 63 4.89 -27.52 23.37
C VAL F 63 4.92 -28.53 22.21
N GLU F 64 4.57 -28.06 21.00
CA GLU F 64 4.60 -28.72 19.68
C GLU F 64 5.45 -27.74 18.89
N PHE F 65 6.28 -28.23 17.95
CA PHE F 65 7.22 -27.35 17.23
C PHE F 65 7.82 -27.98 15.98
N THR F 66 8.48 -27.17 15.13
CA THR F 66 9.23 -27.66 13.98
C THR F 66 10.67 -27.30 14.26
N PHE F 67 11.59 -28.19 13.90
CA PHE F 67 12.99 -27.97 14.21
C PHE F 67 13.90 -28.50 13.11
N LYS F 68 15.16 -28.12 13.17
CA LYS F 68 16.21 -28.48 12.21
C LYS F 68 17.55 -28.67 12.93
N LYS F 69 18.51 -29.27 12.23
CA LYS F 69 19.86 -29.43 12.75
C LYS F 69 20.53 -28.08 12.56
N SER F 70 21.38 -27.71 13.49
CA SER F 70 22.16 -26.49 13.46
C SER F 70 23.57 -26.86 13.89
N ALA F 71 24.55 -25.97 13.65
CA ALA F 71 25.93 -26.21 14.01
C ALA F 71 26.06 -26.56 15.50
N LYS F 72 25.24 -25.91 16.36
CA LYS F 72 25.31 -26.13 17.81
C LYS F 72 24.46 -27.30 18.33
N GLY F 73 23.53 -27.80 17.52
CA GLY F 73 22.66 -28.90 17.91
C GLY F 73 21.35 -28.88 17.16
N LEU F 74 20.24 -28.95 17.90
CA LEU F 74 18.90 -28.91 17.30
C LEU F 74 18.27 -27.56 17.61
N GLU F 75 17.70 -26.94 16.58
CA GLU F 75 17.14 -25.60 16.67
C GLU F 75 15.69 -25.62 16.25
N SER F 76 14.82 -25.08 17.12
CA SER F 76 13.40 -25.01 16.79
C SER F 76 13.13 -23.81 15.88
N ILE F 77 12.19 -23.97 14.93
CA ILE F 77 11.80 -22.98 13.89
C ILE F 77 10.54 -22.22 14.32
N ARG F 78 9.52 -22.93 14.74
CA ARG F 78 8.26 -22.37 15.24
C ARG F 78 7.83 -23.21 16.43
N VAL F 79 7.46 -22.54 17.53
CA VAL F 79 7.05 -23.21 18.77
C VAL F 79 5.64 -22.76 19.17
N THR F 80 4.73 -23.73 19.29
CA THR F 80 3.34 -23.49 19.69
C THR F 80 2.97 -24.42 20.86
N GLY F 81 1.75 -24.27 21.39
CA GLY F 81 1.23 -25.18 22.39
C GLY F 81 0.67 -26.40 21.68
N PRO F 82 0.10 -27.40 22.38
CA PRO F 82 -0.47 -28.55 21.65
C PRO F 82 -1.63 -28.09 20.76
N GLY F 83 -1.54 -28.44 19.48
CA GLY F 83 -2.57 -28.12 18.49
C GLY F 83 -2.40 -26.79 17.80
N GLY F 84 -1.20 -26.24 17.89
CA GLY F 84 -0.87 -24.96 17.24
C GLY F 84 -1.35 -23.75 18.01
N VAL F 85 -1.87 -23.97 19.21
CA VAL F 85 -2.38 -22.97 20.13
C VAL F 85 -1.22 -22.07 20.59
N PHE F 86 -1.53 -20.88 21.16
CA PHE F 86 -0.49 -19.99 21.65
C PHE F 86 0.24 -20.59 22.88
N CYS F 87 1.52 -20.21 23.11
CA CYS F 87 2.26 -20.65 24.30
C CYS F 87 1.76 -19.81 25.50
N ILE F 88 2.13 -20.19 26.74
CA ILE F 88 1.70 -19.47 27.95
C ILE F 88 2.70 -18.37 28.36
N GLY F 89 3.98 -18.73 28.55
CA GLY F 89 5.04 -17.82 28.96
C GLY F 89 5.18 -17.62 30.45
N SER F 90 5.79 -16.47 30.89
CA SER F 90 6.04 -16.11 32.32
C SER F 90 5.92 -14.58 32.70
N GLU F 91 5.53 -14.27 33.99
CA GLU F 91 5.36 -12.93 34.61
C GLU F 91 4.48 -11.96 33.79
N ASP F 98 -5.43 -14.93 32.39
CA ASP F 98 -6.72 -14.63 31.74
C ASP F 98 -6.72 -14.64 30.17
N ARG F 99 -6.83 -15.87 29.61
CA ARG F 99 -6.82 -16.16 28.18
C ARG F 99 -7.75 -17.33 27.83
N CYS F 100 -8.39 -17.31 26.65
CA CYS F 100 -9.29 -18.34 26.12
C CYS F 100 -8.85 -19.80 26.39
N TYR F 101 -9.78 -20.63 26.88
CA TYR F 101 -9.54 -22.03 27.19
C TYR F 101 -9.35 -22.87 25.93
N ASN F 102 -9.88 -22.41 24.79
CA ASN F 102 -9.77 -23.14 23.53
C ASN F 102 -8.50 -22.85 22.74
N CYS F 103 -8.02 -21.59 22.70
CA CYS F 103 -6.87 -21.24 21.88
C CYS F 103 -5.71 -20.53 22.58
N GLY F 104 -5.93 -20.00 23.78
CA GLY F 104 -4.90 -19.27 24.50
C GLY F 104 -4.87 -17.79 24.19
N GLY F 105 -5.80 -17.35 23.33
CA GLY F 105 -5.93 -15.95 22.93
C GLY F 105 -6.31 -15.02 24.07
N LEU F 106 -5.81 -13.78 24.06
CA LEU F 106 -6.08 -12.81 25.13
C LEU F 106 -7.38 -12.00 24.99
N ASP F 107 -7.87 -11.82 23.75
CA ASP F 107 -9.05 -11.00 23.44
C ASP F 107 -10.44 -11.52 23.86
N HIS F 108 -10.60 -12.84 24.10
CA HIS F 108 -11.90 -13.46 24.34
C HIS F 108 -11.89 -14.69 25.26
N HIS F 109 -13.08 -15.31 25.40
CA HIS F 109 -13.32 -16.54 26.17
C HIS F 109 -13.82 -17.66 25.24
N ALA F 110 -13.61 -18.92 25.64
CA ALA F 110 -13.98 -20.13 24.90
C ALA F 110 -15.32 -20.12 24.18
N LYS F 111 -16.37 -19.55 24.80
CA LYS F 111 -17.71 -19.47 24.19
C LYS F 111 -17.70 -18.70 22.87
N GLU F 112 -16.98 -17.56 22.85
CA GLU F 112 -16.83 -16.64 21.72
C GLU F 112 -15.86 -17.13 20.67
N CYS F 113 -14.94 -18.08 21.04
CA CYS F 113 -13.87 -18.60 20.16
C CYS F 113 -14.30 -18.94 18.73
N LYS F 114 -13.63 -18.31 17.75
CA LYS F 114 -13.88 -18.48 16.31
C LYS F 114 -13.09 -19.67 15.72
N LEU F 115 -12.13 -20.18 16.48
CA LEU F 115 -11.31 -21.32 16.07
C LEU F 115 -12.00 -22.68 16.31
N PRO F 116 -11.68 -23.75 15.53
CA PRO F 116 -12.38 -25.03 15.76
C PRO F 116 -12.08 -25.60 17.14
N PRO F 117 -13.05 -26.29 17.80
CA PRO F 117 -12.79 -26.77 19.19
C PRO F 117 -11.57 -27.63 19.31
N GLN F 118 -10.77 -27.29 20.31
CA GLN F 118 -9.50 -27.93 20.61
C GLN F 118 -9.67 -28.82 21.84
N PRO F 119 -8.87 -29.89 22.00
CA PRO F 119 -9.03 -30.73 23.22
C PRO F 119 -8.70 -29.96 24.51
N LYS F 120 -9.28 -30.37 25.65
CA LYS F 120 -9.05 -29.71 26.94
C LYS F 120 -7.58 -29.78 27.31
N LYS F 121 -6.99 -28.64 27.72
CA LYS F 121 -5.57 -28.56 28.08
C LYS F 121 -5.45 -28.18 29.54
N CYS F 122 -4.41 -28.67 30.23
CA CYS F 122 -4.15 -28.37 31.65
C CYS F 122 -4.00 -26.85 31.84
N HIS F 123 -4.83 -26.25 32.68
CA HIS F 123 -4.83 -24.80 32.92
C HIS F 123 -3.49 -24.22 33.30
N PHE F 124 -2.62 -25.06 33.86
CA PHE F 124 -1.30 -24.65 34.30
C PHE F 124 -0.22 -24.81 33.26
N CYS F 125 -0.10 -25.98 32.62
CA CYS F 125 0.96 -26.26 31.68
C CYS F 125 0.53 -26.53 30.23
N GLN F 126 -0.79 -26.52 29.95
CA GLN F 126 -1.35 -26.78 28.61
C GLN F 126 -1.24 -28.21 28.10
N SER F 127 -0.82 -29.17 28.94
CA SER F 127 -0.76 -30.57 28.55
C SER F 127 -2.15 -31.07 28.20
N ILE F 128 -2.22 -31.90 27.16
CA ILE F 128 -3.47 -32.51 26.69
C ILE F 128 -3.74 -33.80 27.43
N ASN F 129 -2.72 -34.30 28.20
CA ASN F 129 -2.74 -35.57 28.94
C ASN F 129 -3.37 -35.55 30.32
N HIS F 130 -3.38 -34.39 30.99
CA HIS F 130 -3.96 -34.24 32.31
C HIS F 130 -4.70 -32.91 32.47
N MET F 131 -5.36 -32.76 33.60
CA MET F 131 -6.03 -31.54 33.97
C MET F 131 -5.44 -30.99 35.25
N VAL F 132 -5.42 -29.64 35.37
CA VAL F 132 -4.83 -28.88 36.47
C VAL F 132 -4.88 -29.52 37.84
N ALA F 133 -6.02 -30.13 38.19
CA ALA F 133 -6.21 -30.82 39.47
C ALA F 133 -5.23 -31.98 39.70
N SER F 134 -4.62 -32.50 38.62
CA SER F 134 -3.68 -33.61 38.66
C SER F 134 -2.34 -33.26 37.98
N CYS F 135 -2.07 -31.95 37.84
CA CYS F 135 -0.85 -31.44 37.22
C CYS F 135 0.43 -31.72 38.00
N PRO F 136 1.42 -32.48 37.43
CA PRO F 136 2.68 -32.72 38.13
C PRO F 136 3.50 -31.46 38.35
N LEU F 137 3.49 -30.56 37.36
CA LEU F 137 4.22 -29.30 37.40
C LEU F 137 3.71 -28.41 38.53
N LYS F 138 2.36 -28.29 38.65
CA LYS F 138 1.70 -27.49 39.68
C LYS F 138 2.11 -27.99 41.05
N ALA F 139 2.29 -29.33 41.17
CA ALA F 139 2.72 -30.03 42.38
C ALA F 139 4.23 -29.81 42.61
N GLN F 140 4.62 -28.53 42.87
CA GLN F 140 6.00 -28.07 43.11
C GLN F 140 5.98 -26.69 43.75
#